data_2W6P
#
_entry.id   2W6P
#
_cell.length_a   83.986
_cell.length_b   106.475
_cell.length_c   121.978
_cell.angle_alpha   90.00
_cell.angle_beta   90.00
_cell.angle_gamma   90.00
#
_symmetry.space_group_name_H-M   'P 21 21 21'
#
loop_
_entity.id
_entity.type
_entity.pdbx_description
1 polymer 'ACETYL-COA CARBOXYLASE'
2 non-polymer 5-methyl-6-phenylquinazoline-2,4-diamine
3 water water
#
_entity_poly.entity_id   1
_entity_poly.type   'polypeptide(L)'
_entity_poly.pdbx_seq_one_letter_code
;MLDKIVIANRGEIALRILRACKELGIKTVAVHSSADRDLKHVLLADETVCIGPAPSVKSYLNIPAIISAAEITGAVAIHP
GYGFLSENANFAEQVERSGFIFIGPKAETIRLMGDKVSAIAAMKKAGVPCVPGSDGPLGDDMDKNRAIAKRIGYPVIIKA
SGGGGGRGMRVVRGDAELAQSISMTRAEAKAAFSNDMVYMEKYLENPRHVEIQVLADGQGNAIYLAERDCSMQRRHQKVV
EEAPAPGITPELRRYIGERCAKACVDIGYRGAGTFEFLFENGEFYFIEMNTRIQVEHPVTEMITGVDLIKEQLRIAAGQP
LSIKQEEVHVRGHAVECRINAEDPNTFLPSPGKITRFHAPGGFGVRWESHIYAGYTVPPYYDSMIGKLICYGENRDVAIA
RMKNALQELIIDGIKTNVDLQIRIMNDENFQHGGTNIHYLEKKLGLQEK
;
_entity_poly.pdbx_strand_id   A,B
#
loop_
_chem_comp.id
_chem_comp.type
_chem_comp.name
_chem_comp.formula
OA4 non-polymer 5-methyl-6-phenylquinazoline-2,4-diamine 'C15 H14 N4'
#
# COMPACT_ATOMS: atom_id res chain seq x y z
N MET A 1 5.96 -8.70 39.94
CA MET A 1 6.02 -8.06 38.58
C MET A 1 6.79 -8.91 37.58
N LEU A 2 6.47 -8.72 36.30
CA LEU A 2 7.13 -9.42 35.20
C LEU A 2 8.61 -9.10 35.20
N ASP A 3 9.46 -10.13 35.18
CA ASP A 3 10.90 -9.91 35.27
C ASP A 3 11.47 -9.20 34.03
N LYS A 4 10.98 -9.59 32.86
CA LYS A 4 11.57 -9.21 31.58
C LYS A 4 10.54 -9.39 30.47
N ILE A 5 10.49 -8.43 29.55
CA ILE A 5 9.55 -8.53 28.45
C ILE A 5 10.18 -8.17 27.11
N VAL A 6 9.64 -8.78 26.06
CA VAL A 6 9.96 -8.42 24.71
C VAL A 6 9.00 -7.31 24.27
N ILE A 7 9.56 -6.23 23.75
CA ILE A 7 8.79 -5.17 23.12
C ILE A 7 8.69 -5.46 21.63
N ALA A 8 7.55 -6.00 21.20
CA ALA A 8 7.40 -6.52 19.85
C ALA A 8 6.83 -5.42 18.96
N ASN A 9 7.59 -4.35 18.83
CA ASN A 9 7.19 -3.19 18.06
C ASN A 9 8.41 -2.27 17.86
N ARG A 10 8.16 -1.04 17.40
CA ARG A 10 9.23 -0.12 16.99
C ARG A 10 8.78 1.32 17.21
N GLY A 11 9.64 2.27 16.85
CA GLY A 11 9.26 3.68 16.84
C GLY A 11 8.80 4.23 18.18
N GLU A 12 7.83 5.13 18.13
CA GLU A 12 7.44 5.87 19.33
C GLU A 12 6.77 4.96 20.36
N ILE A 13 5.94 4.02 19.93
CA ILE A 13 5.25 3.14 20.88
C ILE A 13 6.23 2.20 21.60
N ALA A 14 7.29 1.76 20.91
CA ALA A 14 8.31 0.94 21.54
C ALA A 14 8.99 1.70 22.68
N LEU A 15 9.33 2.96 22.42
CA LEU A 15 9.92 3.84 23.44
C LEU A 15 8.98 4.09 24.61
N ARG A 16 7.70 4.29 24.31
CA ARG A 16 6.66 4.47 25.32
C ARG A 16 6.62 3.26 26.27
N ILE A 17 6.68 2.06 25.71
CA ILE A 17 6.58 0.84 26.48
C ILE A 17 7.86 0.66 27.31
N LEU A 18 9.01 0.97 26.72
CA LEU A 18 10.29 0.85 27.40
C LEU A 18 10.32 1.73 28.65
N ARG A 19 9.84 2.96 28.53
CA ARG A 19 9.75 3.88 29.66
C ARG A 19 8.90 3.31 30.80
N ALA A 20 7.74 2.77 30.45
CA ALA A 20 6.85 2.15 31.44
C ALA A 20 7.50 0.97 32.14
N CYS A 21 8.19 0.13 31.36
CA CYS A 21 8.94 -1.01 31.90
C CYS A 21 10.01 -0.56 32.88
N LYS A 22 10.81 0.42 32.45
CA LYS A 22 11.90 0.97 33.26
C LYS A 22 11.36 1.49 34.59
N GLU A 23 10.23 2.18 34.55
CA GLU A 23 9.59 2.68 35.78
C GLU A 23 9.21 1.55 36.75
N LEU A 24 8.78 0.41 36.22
CA LEU A 24 8.35 -0.71 37.04
C LEU A 24 9.48 -1.70 37.35
N GLY A 25 10.68 -1.40 36.87
CA GLY A 25 11.87 -2.24 37.09
C GLY A 25 11.85 -3.52 36.26
N ILE A 26 11.14 -3.49 35.14
CA ILE A 26 11.04 -4.63 34.25
C ILE A 26 12.16 -4.56 33.23
N LYS A 27 12.90 -5.67 33.07
CA LYS A 27 13.99 -5.75 32.09
C LYS A 27 13.40 -5.74 30.68
N THR A 28 14.08 -5.07 29.77
CA THR A 28 13.58 -4.91 28.41
C THR A 28 14.41 -5.66 27.37
N VAL A 29 13.68 -6.30 26.45
CA VAL A 29 14.26 -6.92 25.29
C VAL A 29 13.68 -6.24 24.04
N ALA A 30 14.55 -5.53 23.31
CA ALA A 30 14.15 -4.85 22.10
C ALA A 30 14.46 -5.72 20.89
N VAL A 31 13.42 -6.27 20.29
CA VAL A 31 13.53 -6.96 19.01
C VAL A 31 13.36 -5.92 17.90
N HIS A 32 14.22 -5.99 16.90
CA HIS A 32 14.25 -4.97 15.87
C HIS A 32 14.70 -5.55 14.54
N SER A 33 14.27 -4.92 13.46
CA SER A 33 14.76 -5.24 12.14
C SER A 33 16.18 -4.67 11.97
N SER A 34 16.84 -5.12 10.91
CA SER A 34 18.18 -4.65 10.59
C SER A 34 18.21 -3.16 10.21
N ALA A 35 17.07 -2.61 9.80
CA ALA A 35 16.95 -1.19 9.48
C ALA A 35 16.70 -0.32 10.72
N ASP A 36 16.48 -0.95 11.88
CA ASP A 36 16.09 -0.26 13.09
C ASP A 36 17.11 -0.38 14.22
N ARG A 37 18.37 -0.62 13.88
CA ARG A 37 19.41 -0.81 14.90
C ARG A 37 19.64 0.44 15.76
N ASP A 38 19.39 1.61 15.18
CA ASP A 38 19.63 2.88 15.86
C ASP A 38 18.35 3.58 16.32
N LEU A 39 17.26 2.81 16.44
CA LEU A 39 16.07 3.29 17.13
C LEU A 39 16.42 3.68 18.56
N LYS A 40 15.88 4.80 19.02
CA LYS A 40 16.12 5.29 20.38
C LYS A 40 15.88 4.20 21.46
N HIS A 41 14.73 3.52 21.39
CA HIS A 41 14.43 2.50 22.40
C HIS A 41 15.39 1.30 22.33
N VAL A 42 15.83 0.95 21.12
CA VAL A 42 16.82 -0.12 20.95
C VAL A 42 18.11 0.26 21.69
N LEU A 43 18.56 1.49 21.49
CA LEU A 43 19.76 1.98 22.16
C LEU A 43 19.62 2.05 23.68
N LEU A 44 18.39 2.19 24.19
CA LEU A 44 18.13 2.28 25.62
C LEU A 44 17.79 0.94 26.29
N ALA A 45 17.58 -0.10 25.50
CA ALA A 45 17.08 -1.38 26.04
C ALA A 45 18.17 -2.18 26.74
N ASP A 46 17.76 -3.05 27.67
CA ASP A 46 18.71 -3.85 28.44
C ASP A 46 19.36 -4.90 27.55
N GLU A 47 18.55 -5.53 26.68
CA GLU A 47 19.03 -6.49 25.69
C GLU A 47 18.38 -6.22 24.35
N THR A 48 19.10 -6.54 23.27
CA THR A 48 18.60 -6.37 21.91
C THR A 48 18.79 -7.63 21.08
N VAL A 49 17.83 -7.88 20.18
CA VAL A 49 17.87 -9.02 19.28
C VAL A 49 17.42 -8.57 17.90
N CYS A 50 18.30 -8.66 16.91
CA CYS A 50 17.90 -8.41 15.53
C CYS A 50 17.14 -9.62 15.01
N ILE A 51 15.85 -9.44 14.74
CA ILE A 51 14.96 -10.55 14.41
C ILE A 51 14.78 -10.75 12.90
N GLY A 52 15.36 -9.87 12.10
CA GLY A 52 15.32 -10.04 10.66
C GLY A 52 15.59 -8.77 9.90
N PRO A 53 15.46 -8.83 8.57
CA PRO A 53 15.71 -7.69 7.70
C PRO A 53 14.57 -6.66 7.75
N ALA A 54 14.75 -5.58 7.02
CA ALA A 54 13.85 -4.42 7.07
C ALA A 54 12.37 -4.73 6.85
N PRO A 55 12.04 -5.49 5.78
CA PRO A 55 10.61 -5.71 5.52
C PRO A 55 9.88 -6.35 6.70
N SER A 56 8.74 -5.78 7.06
CA SER A 56 8.01 -6.19 8.26
C SER A 56 7.67 -7.68 8.30
N VAL A 57 7.40 -8.28 7.15
CA VAL A 57 7.08 -9.71 7.10
C VAL A 57 8.18 -10.59 7.69
N LYS A 58 9.43 -10.19 7.57
CA LYS A 58 10.55 -10.96 8.11
C LYS A 58 11.05 -10.42 9.45
N SER A 59 10.44 -9.35 9.93
CA SER A 59 10.82 -8.78 11.24
C SER A 59 9.61 -8.66 12.16
N TYR A 60 8.89 -7.53 12.09
CA TYR A 60 7.85 -7.24 13.09
C TYR A 60 6.59 -8.11 12.97
N LEU A 61 6.45 -8.83 11.86
CA LEU A 61 5.37 -9.79 11.69
C LEU A 61 5.89 -11.24 11.73
N ASN A 62 7.18 -11.40 12.04
CA ASN A 62 7.84 -12.70 12.02
C ASN A 62 7.65 -13.42 13.36
N ILE A 63 6.56 -14.17 13.44
CA ILE A 63 6.12 -14.80 14.69
C ILE A 63 7.18 -15.73 15.30
N PRO A 64 7.73 -16.68 14.50
CA PRO A 64 8.79 -17.55 15.03
C PRO A 64 9.99 -16.79 15.57
N ALA A 65 10.40 -15.75 14.85
CA ALA A 65 11.58 -14.98 15.25
C ALA A 65 11.32 -14.24 16.57
N ILE A 66 10.13 -13.70 16.73
CA ILE A 66 9.77 -12.96 17.94
C ILE A 66 9.68 -13.89 19.15
N ILE A 67 9.02 -15.03 18.97
CA ILE A 67 8.93 -16.02 20.04
C ILE A 67 10.31 -16.57 20.40
N SER A 68 11.14 -16.85 19.40
CA SER A 68 12.52 -17.30 19.61
C SER A 68 13.33 -16.28 20.41
N ALA A 69 13.14 -14.99 20.14
CA ALA A 69 13.82 -13.93 20.88
C ALA A 69 13.39 -13.95 22.35
N ALA A 70 12.11 -14.16 22.60
CA ALA A 70 11.62 -14.32 23.96
C ALA A 70 12.28 -15.52 24.65
N GLU A 71 12.33 -16.65 23.94
CA GLU A 71 12.95 -17.87 24.48
C GLU A 71 14.41 -17.65 24.86
N ILE A 72 15.21 -17.12 23.93
CA ILE A 72 16.66 -17.05 24.13
C ILE A 72 17.09 -16.05 25.21
N THR A 73 16.28 -15.00 25.42
CA THR A 73 16.58 -13.98 26.43
C THR A 73 15.96 -14.29 27.79
N GLY A 74 15.15 -15.34 27.86
CA GLY A 74 14.45 -15.68 29.08
C GLY A 74 13.40 -14.65 29.47
N ALA A 75 12.78 -14.02 28.48
CA ALA A 75 11.67 -13.10 28.71
C ALA A 75 10.43 -13.90 29.13
N VAL A 76 9.52 -13.24 29.85
CA VAL A 76 8.30 -13.89 30.35
C VAL A 76 7.03 -13.41 29.65
N ALA A 77 7.10 -12.28 28.93
CA ALA A 77 5.94 -11.68 28.31
C ALA A 77 6.31 -10.92 27.04
N ILE A 78 5.31 -10.69 26.21
CA ILE A 78 5.48 -9.95 24.96
C ILE A 78 4.41 -8.87 24.86
N HIS A 79 4.87 -7.62 24.69
CA HIS A 79 3.99 -6.50 24.47
C HIS A 79 3.98 -6.18 22.98
N PRO A 80 2.82 -6.33 22.33
CA PRO A 80 2.73 -6.16 20.88
C PRO A 80 2.55 -4.70 20.41
N GLY A 81 2.38 -3.76 21.34
CA GLY A 81 2.07 -2.36 21.00
C GLY A 81 0.78 -2.23 20.20
N TYR A 82 0.80 -1.40 19.16
CA TYR A 82 -0.30 -1.28 18.21
C TYR A 82 0.19 -1.63 16.80
N GLY A 83 -0.73 -1.90 15.89
CA GLY A 83 -0.36 -2.33 14.55
C GLY A 83 0.27 -3.71 14.60
N PHE A 84 1.08 -4.02 13.59
CA PHE A 84 1.75 -5.33 13.49
C PHE A 84 0.88 -6.52 13.94
N LEU A 85 1.22 -7.17 15.05
CA LEU A 85 0.57 -8.41 15.49
C LEU A 85 -0.40 -8.20 16.68
N SER A 86 -0.64 -6.95 17.06
CA SER A 86 -1.38 -6.65 18.28
C SER A 86 -2.83 -7.14 18.28
N GLU A 87 -3.45 -7.23 17.10
CA GLU A 87 -4.81 -7.79 16.96
C GLU A 87 -4.81 -9.16 16.27
N ASN A 88 -3.66 -9.83 16.30
CA ASN A 88 -3.50 -11.14 15.68
C ASN A 88 -3.73 -12.23 16.71
N ALA A 89 -4.92 -12.83 16.65
CA ALA A 89 -5.35 -13.80 17.67
C ALA A 89 -4.50 -15.07 17.63
N ASN A 90 -4.18 -15.50 16.41
CA ASN A 90 -3.31 -16.65 16.21
C ASN A 90 -1.93 -16.42 16.88
N PHE A 91 -1.40 -15.20 16.75
CA PHE A 91 -0.14 -14.85 17.42
C PHE A 91 -0.28 -14.91 18.95
N ALA A 92 -1.33 -14.30 19.47
CA ALA A 92 -1.59 -14.33 20.91
C ALA A 92 -1.66 -15.77 21.42
N GLU A 93 -2.37 -16.60 20.64
CA GLU A 93 -2.53 -18.03 20.95
C GLU A 93 -1.17 -18.75 21.01
N GLN A 94 -0.36 -18.52 19.97
CA GLN A 94 0.99 -19.08 19.90
C GLN A 94 1.89 -18.60 21.05
N VAL A 95 1.78 -17.33 21.41
CA VAL A 95 2.55 -16.78 22.53
C VAL A 95 2.18 -17.52 23.81
N GLU A 96 0.87 -17.65 24.07
CA GLU A 96 0.41 -18.35 25.26
C GLU A 96 0.75 -19.86 25.21
N ARG A 97 0.60 -20.48 24.06
CA ARG A 97 0.96 -21.89 23.87
C ARG A 97 2.45 -22.14 24.12
N SER A 98 3.28 -21.14 23.79
CA SER A 98 4.73 -21.21 23.98
C SER A 98 5.18 -20.93 25.42
N GLY A 99 4.24 -20.52 26.27
CA GLY A 99 4.47 -20.34 27.69
C GLY A 99 4.76 -18.91 28.12
N PHE A 100 4.59 -17.96 27.20
CA PHE A 100 4.79 -16.54 27.52
C PHE A 100 3.45 -15.81 27.69
N ILE A 101 3.49 -14.70 28.41
CA ILE A 101 2.31 -13.89 28.62
C ILE A 101 2.19 -12.93 27.45
N PHE A 102 1.02 -12.92 26.82
CA PHE A 102 0.68 -11.91 25.83
C PHE A 102 0.03 -10.73 26.56
N ILE A 103 0.60 -9.53 26.38
CA ILE A 103 0.04 -8.31 26.98
C ILE A 103 -1.16 -7.84 26.18
N GLY A 104 -2.33 -8.35 26.57
CA GLY A 104 -3.59 -8.09 25.91
C GLY A 104 -4.63 -9.01 26.51
N PRO A 105 -5.82 -9.06 25.91
CA PRO A 105 -6.82 -10.00 26.42
C PRO A 105 -6.51 -11.45 26.04
N LYS A 106 -7.38 -12.37 26.43
CA LYS A 106 -7.30 -13.74 25.95
C LYS A 106 -7.44 -13.77 24.43
N ALA A 107 -6.74 -14.69 23.80
CA ALA A 107 -6.78 -14.84 22.34
C ALA A 107 -8.22 -14.93 21.83
N GLU A 108 -9.08 -15.71 22.50
CA GLU A 108 -10.49 -15.82 22.08
C GLU A 108 -11.21 -14.48 22.06
N THR A 109 -10.81 -13.58 22.95
CA THR A 109 -11.40 -12.24 23.04
C THR A 109 -10.91 -11.38 21.87
N ILE A 110 -9.61 -11.45 21.58
CA ILE A 110 -9.08 -10.80 20.36
C ILE A 110 -9.83 -11.26 19.12
N ARG A 111 -10.06 -12.57 19.03
CA ARG A 111 -10.74 -13.15 17.87
C ARG A 111 -12.18 -12.65 17.78
N LEU A 112 -12.87 -12.61 18.91
CA LEU A 112 -14.23 -12.08 18.97
C LEU A 112 -14.31 -10.64 18.44
N MET A 113 -13.43 -9.77 18.92
CA MET A 113 -13.47 -8.36 18.51
C MET A 113 -13.02 -8.17 17.07
N GLY A 114 -12.23 -9.11 16.57
CA GLY A 114 -11.82 -9.13 15.15
C GLY A 114 -12.92 -9.61 14.19
N ASP A 115 -13.97 -10.21 14.74
CA ASP A 115 -15.14 -10.66 13.98
C ASP A 115 -16.23 -9.64 14.28
N LYS A 116 -16.37 -8.65 13.40
CA LYS A 116 -17.23 -7.50 13.70
C LYS A 116 -18.70 -7.88 13.91
N VAL A 117 -19.18 -8.88 13.17
CA VAL A 117 -20.54 -9.40 13.36
C VAL A 117 -20.73 -9.98 14.77
N SER A 118 -19.84 -10.88 15.18
CA SER A 118 -19.93 -11.50 16.49
C SER A 118 -19.69 -10.51 17.64
N ALA A 119 -18.78 -9.56 17.44
CA ALA A 119 -18.53 -8.50 18.42
C ALA A 119 -19.79 -7.67 18.67
N ILE A 120 -20.44 -7.23 17.59
CA ILE A 120 -21.69 -6.47 17.72
C ILE A 120 -22.78 -7.25 18.46
N ALA A 121 -22.96 -8.52 18.11
CA ALA A 121 -23.92 -9.38 18.82
C ALA A 121 -23.66 -9.41 20.33
N ALA A 122 -22.40 -9.55 20.70
CA ALA A 122 -21.99 -9.59 22.10
C ALA A 122 -22.28 -8.27 22.80
N MET A 123 -21.96 -7.17 22.12
CA MET A 123 -22.16 -5.83 22.67
C MET A 123 -23.65 -5.52 22.85
N LYS A 124 -24.44 -5.84 21.82
CA LYS A 124 -25.88 -5.64 21.85
C LYS A 124 -26.52 -6.44 22.99
N LYS A 125 -26.11 -7.70 23.12
CA LYS A 125 -26.54 -8.56 24.24
C LYS A 125 -26.22 -7.96 25.62
N ALA A 126 -25.05 -7.32 25.73
CA ALA A 126 -24.60 -6.74 26.99
C ALA A 126 -25.28 -5.40 27.33
N GLY A 127 -26.04 -4.82 26.40
CA GLY A 127 -26.72 -3.56 26.61
C GLY A 127 -26.03 -2.34 26.03
N VAL A 128 -25.01 -2.56 25.19
CA VAL A 128 -24.33 -1.44 24.52
C VAL A 128 -25.13 -1.08 23.26
N PRO A 129 -25.40 0.23 23.07
CA PRO A 129 -26.12 0.66 21.87
C PRO A 129 -25.28 0.48 20.59
N CYS A 130 -25.90 -0.13 19.58
CA CYS A 130 -25.25 -0.39 18.31
C CYS A 130 -25.98 0.32 17.17
N VAL A 131 -25.38 0.30 15.97
CA VAL A 131 -26.01 0.90 14.80
C VAL A 131 -27.12 -0.04 14.33
N PRO A 132 -28.31 0.51 14.00
CA PRO A 132 -29.29 -0.40 13.40
C PRO A 132 -28.70 -1.13 12.19
N GLY A 133 -28.88 -2.45 12.13
CA GLY A 133 -28.23 -3.23 11.09
C GLY A 133 -28.87 -4.59 10.85
N SER A 134 -28.18 -5.41 10.07
CA SER A 134 -28.66 -6.74 9.72
C SER A 134 -28.69 -7.72 10.90
N ASP A 135 -27.89 -7.44 11.95
CA ASP A 135 -27.78 -8.36 13.10
C ASP A 135 -27.51 -9.79 12.61
N GLY A 136 -26.44 -9.92 11.83
CA GLY A 136 -26.10 -11.19 11.22
C GLY A 136 -25.48 -10.93 9.86
N PRO A 137 -24.82 -11.94 9.30
CA PRO A 137 -24.21 -11.81 7.98
C PRO A 137 -25.24 -11.84 6.87
N LEU A 138 -24.95 -11.16 5.75
CA LEU A 138 -25.81 -11.19 4.57
C LEU A 138 -25.53 -12.46 3.77
N GLY A 139 -26.58 -13.14 3.33
CA GLY A 139 -26.43 -14.24 2.39
C GLY A 139 -26.41 -13.75 0.94
N ASP A 140 -26.68 -14.66 0.01
CA ASP A 140 -26.65 -14.37 -1.42
C ASP A 140 -28.05 -14.12 -2.00
N ASP A 141 -29.06 -14.16 -1.15
CA ASP A 141 -30.45 -13.93 -1.56
C ASP A 141 -30.71 -12.42 -1.58
N MET A 142 -30.68 -11.81 -2.77
CA MET A 142 -30.84 -10.36 -2.91
C MET A 142 -32.25 -9.85 -2.59
N ASP A 143 -33.25 -10.72 -2.70
CA ASP A 143 -34.59 -10.36 -2.24
C ASP A 143 -34.52 -10.11 -0.72
N LYS A 144 -33.91 -11.04 0.01
CA LYS A 144 -33.71 -10.87 1.45
C LYS A 144 -32.86 -9.64 1.79
N ASN A 145 -31.79 -9.42 1.03
CA ASN A 145 -30.90 -8.28 1.29
C ASN A 145 -31.59 -6.94 1.01
N ARG A 146 -32.40 -6.88 -0.05
CA ARG A 146 -33.19 -5.67 -0.31
C ARG A 146 -34.20 -5.41 0.83
N ALA A 147 -34.82 -6.47 1.34
CA ALA A 147 -35.74 -6.37 2.47
C ALA A 147 -35.05 -5.82 3.72
N ILE A 148 -33.82 -6.28 3.97
CA ILE A 148 -33.05 -5.78 5.12
C ILE A 148 -32.75 -4.29 4.95
N ALA A 149 -32.33 -3.90 3.75
CA ALA A 149 -32.02 -2.50 3.44
C ALA A 149 -33.24 -1.60 3.62
N LYS A 150 -34.41 -2.10 3.18
CA LYS A 150 -35.68 -1.37 3.35
C LYS A 150 -36.03 -1.20 4.82
N ARG A 151 -35.87 -2.27 5.60
CA ARG A 151 -36.16 -2.23 7.04
C ARG A 151 -35.27 -1.22 7.77
N ILE A 152 -33.98 -1.21 7.43
CA ILE A 152 -33.03 -0.27 8.01
C ILE A 152 -33.32 1.15 7.50
N GLY A 153 -33.57 1.26 6.20
CA GLY A 153 -33.76 2.53 5.54
C GLY A 153 -32.46 3.06 4.96
N TYR A 154 -32.49 3.37 3.66
CA TYR A 154 -31.33 3.92 2.96
C TYR A 154 -31.02 5.33 3.48
N PRO A 155 -29.75 5.76 3.41
CA PRO A 155 -28.58 5.02 2.95
C PRO A 155 -28.13 3.95 3.94
N VAL A 156 -27.57 2.87 3.42
CA VAL A 156 -26.98 1.80 4.23
C VAL A 156 -25.51 1.68 3.86
N ILE A 157 -24.78 0.88 4.63
CA ILE A 157 -23.38 0.64 4.37
C ILE A 157 -23.07 -0.85 4.53
N ILE A 158 -22.36 -1.41 3.56
CA ILE A 158 -21.97 -2.82 3.60
C ILE A 158 -20.58 -2.86 4.20
N LYS A 159 -20.35 -3.79 5.13
CA LYS A 159 -19.09 -3.90 5.85
C LYS A 159 -18.61 -5.35 5.93
N ALA A 160 -17.31 -5.55 5.77
CA ALA A 160 -16.69 -6.87 5.96
C ALA A 160 -16.58 -7.16 7.46
N SER A 161 -16.99 -8.37 7.87
CA SER A 161 -16.84 -8.80 9.26
C SER A 161 -15.37 -8.87 9.70
N GLY A 162 -14.49 -9.22 8.76
CA GLY A 162 -13.05 -9.29 9.03
C GLY A 162 -12.33 -7.96 8.88
N GLY A 163 -13.06 -6.89 8.58
CA GLY A 163 -12.50 -5.56 8.37
C GLY A 163 -12.47 -4.73 9.65
N GLY A 164 -12.62 -3.41 9.47
CA GLY A 164 -12.51 -2.44 10.57
C GLY A 164 -11.54 -1.33 10.24
N GLY A 165 -11.59 -0.24 11.00
CA GLY A 165 -10.74 0.92 10.76
C GLY A 165 -10.88 1.51 9.37
N GLY A 166 -12.08 1.43 8.81
CA GLY A 166 -12.36 1.94 7.47
C GLY A 166 -12.15 0.95 6.34
N ARG A 167 -11.57 -0.20 6.65
CA ARG A 167 -11.24 -1.18 5.64
C ARG A 167 -12.42 -2.10 5.36
N GLY A 168 -12.72 -2.28 4.08
CA GLY A 168 -13.72 -3.22 3.62
C GLY A 168 -15.15 -2.76 3.81
N MET A 169 -15.47 -1.55 3.36
CA MET A 169 -16.87 -1.08 3.40
C MET A 169 -17.26 -0.16 2.24
N ARG A 170 -18.57 -0.12 1.95
CA ARG A 170 -19.07 0.81 0.93
C ARG A 170 -20.53 1.22 1.13
N VAL A 171 -20.80 2.49 0.81
CA VAL A 171 -22.10 3.09 1.05
C VAL A 171 -23.04 2.78 -0.10
N VAL A 172 -24.29 2.47 0.26
CA VAL A 172 -25.33 2.17 -0.72
C VAL A 172 -26.53 3.10 -0.47
N ARG A 173 -26.94 3.82 -1.51
CA ARG A 173 -28.00 4.82 -1.37
C ARG A 173 -29.33 4.43 -2.02
N GLY A 174 -29.36 3.31 -2.74
CA GLY A 174 -30.60 2.78 -3.30
C GLY A 174 -30.45 1.34 -3.76
N ASP A 175 -31.59 0.69 -3.99
CA ASP A 175 -31.63 -0.71 -4.45
C ASP A 175 -30.75 -0.96 -5.67
N ALA A 176 -30.73 -0.01 -6.60
CA ALA A 176 -30.04 -0.18 -7.87
C ALA A 176 -28.56 -0.55 -7.70
N GLU A 177 -27.93 -0.06 -6.63
CA GLU A 177 -26.51 -0.33 -6.36
C GLU A 177 -26.25 -1.40 -5.30
N LEU A 178 -27.31 -1.94 -4.69
CA LEU A 178 -27.16 -2.88 -3.56
C LEU A 178 -26.45 -4.19 -3.91
N ALA A 179 -26.93 -4.89 -4.94
CA ALA A 179 -26.36 -6.19 -5.31
C ALA A 179 -24.87 -6.07 -5.64
N GLN A 180 -24.53 -5.12 -6.51
CA GLN A 180 -23.14 -4.95 -6.92
C GLN A 180 -22.27 -4.52 -5.73
N SER A 181 -22.82 -3.67 -4.87
CA SER A 181 -22.08 -3.21 -3.69
C SER A 181 -21.78 -4.35 -2.73
N ILE A 182 -22.75 -5.23 -2.54
CA ILE A 182 -22.56 -6.40 -1.69
C ILE A 182 -21.52 -7.35 -2.32
N SER A 183 -21.65 -7.59 -3.62
CA SER A 183 -20.74 -8.50 -4.33
C SER A 183 -19.28 -8.02 -4.26
N MET A 184 -19.08 -6.72 -4.51
CA MET A 184 -17.74 -6.15 -4.48
C MET A 184 -17.13 -6.12 -3.08
N THR A 185 -17.92 -5.75 -2.08
CA THR A 185 -17.44 -5.77 -0.69
C THR A 185 -17.04 -7.19 -0.31
N ARG A 186 -17.86 -8.15 -0.70
CA ARG A 186 -17.58 -9.56 -0.44
C ARG A 186 -16.29 -10.04 -1.14
N ALA A 187 -16.12 -9.66 -2.40
CA ALA A 187 -14.92 -10.06 -3.15
C ALA A 187 -13.65 -9.44 -2.56
N GLU A 188 -13.74 -8.18 -2.16
CA GLU A 188 -12.61 -7.50 -1.54
C GLU A 188 -12.28 -8.06 -0.15
N ALA A 189 -13.31 -8.45 0.60
CA ALA A 189 -13.15 -9.12 1.89
C ALA A 189 -12.47 -10.48 1.73
N LYS A 190 -12.92 -11.28 0.76
CA LYS A 190 -12.28 -12.57 0.45
C LYS A 190 -10.79 -12.39 0.14
N ALA A 191 -10.48 -11.38 -0.67
CA ALA A 191 -9.12 -11.12 -1.13
C ALA A 191 -8.20 -10.61 -0.02
N ALA A 192 -8.77 -9.83 0.91
CA ALA A 192 -7.98 -9.14 1.94
C ALA A 192 -7.93 -9.89 3.27
N PHE A 193 -9.03 -10.53 3.64
CA PHE A 193 -9.17 -11.14 4.97
C PHE A 193 -9.32 -12.66 4.92
N SER A 194 -9.34 -13.23 3.72
CA SER A 194 -9.72 -14.64 3.53
C SER A 194 -10.96 -14.98 4.35
N ASN A 195 -11.91 -14.05 4.30
CA ASN A 195 -13.17 -14.18 5.01
C ASN A 195 -14.13 -13.28 4.27
N ASP A 196 -15.09 -13.88 3.56
CA ASP A 196 -15.95 -13.11 2.68
C ASP A 196 -17.27 -12.68 3.35
N MET A 197 -17.35 -12.83 4.67
CA MET A 197 -18.54 -12.46 5.42
C MET A 197 -18.74 -10.95 5.45
N VAL A 198 -19.97 -10.52 5.16
CA VAL A 198 -20.33 -9.10 5.20
C VAL A 198 -21.64 -8.89 5.94
N TYR A 199 -21.84 -7.67 6.40
CA TYR A 199 -23.05 -7.28 7.11
C TYR A 199 -23.49 -5.88 6.68
N MET A 200 -24.67 -5.47 7.14
CA MET A 200 -25.24 -4.18 6.75
C MET A 200 -25.57 -3.34 7.99
N GLU A 201 -25.33 -2.03 7.89
CA GLU A 201 -25.70 -1.08 8.93
C GLU A 201 -26.32 0.15 8.27
N LYS A 202 -27.07 0.92 9.05
CA LYS A 202 -27.52 2.24 8.65
C LYS A 202 -26.29 3.11 8.45
N TYR A 203 -26.23 3.85 7.35
CA TYR A 203 -25.14 4.79 7.14
C TYR A 203 -25.48 6.14 7.76
N LEU A 204 -24.80 6.48 8.85
CA LEU A 204 -24.98 7.79 9.49
C LEU A 204 -24.32 8.86 8.63
N GLU A 205 -25.00 9.99 8.44
CA GLU A 205 -24.54 11.00 7.48
C GLU A 205 -23.44 11.90 8.02
N ASN A 206 -23.56 12.38 9.25
CA ASN A 206 -22.59 13.33 9.81
C ASN A 206 -22.21 13.07 11.27
N PRO A 207 -21.76 11.84 11.56
CA PRO A 207 -21.43 11.50 12.94
C PRO A 207 -20.04 12.01 13.32
N ARG A 208 -19.78 12.00 14.62
CA ARG A 208 -18.43 12.14 15.16
C ARG A 208 -17.93 10.76 15.59
N HIS A 209 -16.61 10.62 15.61
CA HIS A 209 -15.93 9.41 16.04
C HIS A 209 -15.48 9.59 17.49
N VAL A 210 -16.19 8.93 18.40
CA VAL A 210 -15.96 9.07 19.82
C VAL A 210 -15.78 7.67 20.40
N GLU A 211 -14.63 7.44 21.01
CA GLU A 211 -14.28 6.13 21.56
C GLU A 211 -14.05 6.19 23.07
N ILE A 212 -14.38 5.08 23.74
CA ILE A 212 -14.23 4.94 25.19
C ILE A 212 -13.06 4.03 25.54
N GLN A 213 -12.21 4.51 26.45
CA GLN A 213 -11.11 3.71 26.97
C GLN A 213 -11.56 2.90 28.18
N VAL A 214 -11.27 1.60 28.17
CA VAL A 214 -11.50 0.74 29.34
C VAL A 214 -10.22 0.08 29.83
N LEU A 215 -10.27 -0.37 31.07
CA LEU A 215 -9.25 -1.23 31.66
C LEU A 215 -9.96 -2.29 32.48
N ALA A 216 -9.57 -3.55 32.31
CA ALA A 216 -10.12 -4.64 33.12
C ALA A 216 -8.99 -5.54 33.62
N ASP A 217 -9.06 -5.96 34.88
CA ASP A 217 -8.03 -6.84 35.45
C ASP A 217 -8.51 -8.28 35.55
N GLY A 218 -7.67 -9.17 36.06
CA GLY A 218 -8.05 -10.58 36.26
C GLY A 218 -8.76 -10.85 37.59
N GLN A 219 -9.04 -9.79 38.35
CA GLN A 219 -9.79 -9.88 39.62
C GLN A 219 -11.27 -9.47 39.50
N GLY A 220 -11.73 -9.20 38.29
CA GLY A 220 -13.13 -8.84 38.05
C GLY A 220 -13.44 -7.36 37.98
N ASN A 221 -12.43 -6.51 38.16
CA ASN A 221 -12.63 -5.06 38.09
C ASN A 221 -12.55 -4.59 36.64
N ALA A 222 -13.47 -3.68 36.28
CA ALA A 222 -13.52 -3.10 34.95
C ALA A 222 -13.95 -1.65 35.07
N ILE A 223 -13.11 -0.76 34.55
CA ILE A 223 -13.36 0.67 34.62
C ILE A 223 -13.30 1.31 33.23
N TYR A 224 -13.96 2.45 33.10
CA TYR A 224 -13.87 3.28 31.91
C TYR A 224 -13.14 4.59 32.27
N LEU A 225 -12.33 5.06 31.33
CA LEU A 225 -11.49 6.24 31.54
C LEU A 225 -11.84 7.29 30.51
N ALA A 226 -13.11 7.70 30.57
CA ALA A 226 -13.67 8.74 29.72
C ALA A 226 -13.54 8.40 28.23
N GLU A 227 -13.60 9.42 27.39
CA GLU A 227 -13.71 9.24 25.96
C GLU A 227 -12.67 10.06 25.23
N ARG A 228 -12.52 9.78 23.94
CA ARG A 228 -11.70 10.57 23.03
C ARG A 228 -12.46 10.88 21.74
N ASP A 229 -12.40 12.13 21.31
CA ASP A 229 -12.93 12.49 20.00
C ASP A 229 -11.80 12.35 18.97
N CYS A 230 -12.01 11.47 17.99
CA CYS A 230 -11.04 11.23 16.92
C CYS A 230 -11.57 11.61 15.53
N SER A 231 -12.51 12.55 15.49
CA SER A 231 -13.22 12.93 14.25
C SER A 231 -12.33 13.63 13.22
N MET A 232 -11.26 14.29 13.68
CA MET A 232 -10.34 15.01 12.80
C MET A 232 -9.39 14.01 12.16
N GLN A 233 -9.75 13.60 10.94
CA GLN A 233 -9.09 12.48 10.29
C GLN A 233 -9.17 12.62 8.77
N ARG A 234 -8.27 11.92 8.09
CA ARG A 234 -8.26 11.88 6.62
C ARG A 234 -8.17 10.42 6.18
N ARG A 235 -9.18 9.96 5.44
CA ARG A 235 -9.21 8.61 4.89
C ARG A 235 -8.94 7.54 5.96
N HIS A 236 -9.64 7.69 7.08
CA HIS A 236 -9.56 6.81 8.26
C HIS A 236 -8.24 6.86 9.06
N GLN A 237 -7.32 7.72 8.65
CA GLN A 237 -6.12 8.03 9.42
C GLN A 237 -6.42 9.21 10.34
N LYS A 238 -6.45 8.97 11.66
CA LYS A 238 -6.61 10.06 12.62
C LYS A 238 -5.47 11.06 12.45
N VAL A 239 -5.77 12.34 12.67
CA VAL A 239 -4.79 13.44 12.54
C VAL A 239 -4.62 14.16 13.87
N VAL A 240 -5.75 14.51 14.47
CA VAL A 240 -5.81 15.11 15.80
C VAL A 240 -6.80 14.28 16.64
N GLU A 241 -6.42 13.98 17.88
CA GLU A 241 -7.34 13.37 18.83
C GLU A 241 -7.41 14.24 20.09
N GLU A 242 -8.56 14.22 20.76
CA GLU A 242 -8.69 14.98 21.99
C GLU A 242 -9.57 14.26 23.00
N ALA A 243 -9.36 14.64 24.26
CA ALA A 243 -10.09 14.10 25.41
C ALA A 243 -10.24 15.20 26.47
N PRO A 244 -11.45 15.33 27.05
CA PRO A 244 -12.69 14.63 26.69
C PRO A 244 -13.20 15.12 25.34
N ALA A 245 -14.33 14.58 24.88
CA ALA A 245 -14.96 15.02 23.64
C ALA A 245 -15.80 16.27 23.93
N PRO A 246 -15.60 17.35 23.15
CA PRO A 246 -16.38 18.57 23.35
C PRO A 246 -17.88 18.31 23.33
N GLY A 247 -18.60 18.88 24.28
CA GLY A 247 -20.07 18.79 24.30
C GLY A 247 -20.63 17.58 25.01
N ILE A 248 -19.79 16.58 25.31
CA ILE A 248 -20.22 15.42 26.08
C ILE A 248 -20.29 15.82 27.55
N THR A 249 -21.46 15.65 28.14
CA THR A 249 -21.69 15.98 29.54
C THR A 249 -21.22 14.85 30.45
N PRO A 250 -21.02 15.14 31.74
CA PRO A 250 -20.75 14.06 32.71
C PRO A 250 -21.82 12.97 32.72
N GLU A 251 -23.08 13.31 32.45
CA GLU A 251 -24.18 12.34 32.45
C GLU A 251 -24.08 11.37 31.28
N LEU A 252 -23.83 11.89 30.07
CA LEU A 252 -23.60 11.05 28.90
C LEU A 252 -22.37 10.16 29.06
N ARG A 253 -21.28 10.75 29.58
CA ARG A 253 -20.05 10.00 29.82
C ARG A 253 -20.29 8.82 30.74
N ARG A 254 -21.01 9.08 31.83
CA ARG A 254 -21.42 8.05 32.78
C ARG A 254 -22.26 6.98 32.09
N TYR A 255 -23.27 7.43 31.34
CA TYR A 255 -24.21 6.53 30.67
C TYR A 255 -23.51 5.51 29.79
N ILE A 256 -22.65 5.99 28.89
CA ILE A 256 -22.00 5.11 27.92
C ILE A 256 -20.81 4.36 28.54
N GLY A 257 -20.10 5.01 29.45
CA GLY A 257 -18.96 4.40 30.14
C GLY A 257 -19.38 3.19 30.96
N GLU A 258 -20.46 3.33 31.72
CA GLU A 258 -21.00 2.23 32.50
C GLU A 258 -21.42 1.04 31.64
N ARG A 259 -22.00 1.31 30.48
CA ARG A 259 -22.37 0.25 29.55
C ARG A 259 -21.14 -0.50 29.00
N CYS A 260 -20.07 0.22 28.70
CA CYS A 260 -18.83 -0.42 28.22
C CYS A 260 -18.20 -1.28 29.31
N ALA A 261 -18.14 -0.75 30.53
CA ALA A 261 -17.54 -1.51 31.65
C ALA A 261 -18.36 -2.78 31.94
N LYS A 262 -19.68 -2.64 31.91
CA LYS A 262 -20.57 -3.79 32.09
C LYS A 262 -20.33 -4.83 30.98
N ALA A 263 -20.19 -4.39 29.73
CA ALA A 263 -19.87 -5.30 28.64
C ALA A 263 -18.57 -6.07 28.92
N CYS A 264 -17.53 -5.38 29.42
CA CYS A 264 -16.26 -6.03 29.76
C CYS A 264 -16.44 -7.16 30.75
N VAL A 265 -17.25 -6.93 31.77
CA VAL A 265 -17.52 -7.95 32.79
C VAL A 265 -18.24 -9.14 32.16
N ASP A 266 -19.26 -8.86 31.35
CA ASP A 266 -20.03 -9.91 30.68
C ASP A 266 -19.17 -10.84 29.81
N ILE A 267 -18.23 -10.25 29.08
CA ILE A 267 -17.42 -10.99 28.10
C ILE A 267 -16.10 -11.52 28.67
N GLY A 268 -15.80 -11.22 29.93
CA GLY A 268 -14.54 -11.62 30.54
C GLY A 268 -13.35 -10.91 29.91
N TYR A 269 -13.53 -9.62 29.64
CA TYR A 269 -12.46 -8.81 29.06
C TYR A 269 -11.30 -8.63 30.05
N ARG A 270 -10.08 -8.60 29.52
CA ARG A 270 -8.89 -8.34 30.31
C ARG A 270 -7.94 -7.40 29.56
N GLY A 271 -7.42 -6.40 30.28
CA GLY A 271 -6.43 -5.49 29.77
C GLY A 271 -7.02 -4.16 29.36
N ALA A 272 -6.22 -3.40 28.63
CA ALA A 272 -6.72 -2.19 27.99
C ALA A 272 -7.60 -2.58 26.80
N GLY A 273 -8.56 -1.72 26.50
CA GLY A 273 -9.39 -1.84 25.31
C GLY A 273 -10.07 -0.53 24.95
N THR A 274 -10.57 -0.45 23.72
CA THR A 274 -11.24 0.74 23.23
C THR A 274 -12.58 0.35 22.58
N PHE A 275 -13.66 0.97 23.05
CA PHE A 275 -14.98 0.84 22.44
C PHE A 275 -15.15 2.02 21.48
N GLU A 276 -15.19 1.74 20.18
CA GLU A 276 -15.43 2.79 19.17
C GLU A 276 -16.92 3.01 18.93
N PHE A 277 -17.33 4.28 18.98
CA PHE A 277 -18.69 4.68 18.68
C PHE A 277 -18.73 5.75 17.59
N LEU A 278 -19.84 5.76 16.87
CA LEU A 278 -20.32 6.94 16.18
C LEU A 278 -21.24 7.69 17.14
N PHE A 279 -21.07 9.01 17.17
CA PHE A 279 -21.88 9.88 18.03
C PHE A 279 -22.58 10.92 17.15
N GLU A 280 -23.91 10.93 17.20
CA GLU A 280 -24.72 11.84 16.38
C GLU A 280 -26.05 12.13 17.08
N ASN A 281 -26.50 13.38 17.00
CA ASN A 281 -27.73 13.80 17.68
C ASN A 281 -27.79 13.33 19.13
N GLY A 282 -26.67 13.46 19.84
CA GLY A 282 -26.60 13.13 21.26
C GLY A 282 -26.67 11.64 21.61
N GLU A 283 -26.51 10.77 20.61
CA GLU A 283 -26.64 9.32 20.78
C GLU A 283 -25.37 8.59 20.35
N PHE A 284 -25.03 7.53 21.08
CA PHE A 284 -23.87 6.67 20.78
C PHE A 284 -24.31 5.40 20.05
N TYR A 285 -23.50 4.97 19.08
CA TYR A 285 -23.73 3.73 18.34
C TYR A 285 -22.40 2.99 18.18
N PHE A 286 -22.28 1.83 18.83
CA PHE A 286 -21.07 1.02 18.78
C PHE A 286 -20.83 0.51 17.37
N ILE A 287 -19.61 0.66 16.87
CA ILE A 287 -19.23 0.05 15.60
C ILE A 287 -18.16 -1.05 15.72
N GLU A 288 -17.14 -0.85 16.56
CA GLU A 288 -15.97 -1.73 16.63
C GLU A 288 -15.28 -1.63 17.98
N MET A 289 -14.66 -2.72 18.41
CA MET A 289 -13.78 -2.70 19.59
C MET A 289 -12.35 -3.07 19.23
N ASN A 290 -11.41 -2.30 19.77
CA ASN A 290 -9.99 -2.58 19.64
C ASN A 290 -9.50 -3.11 20.97
N THR A 291 -8.60 -4.11 20.92
CA THR A 291 -8.07 -4.68 22.15
C THR A 291 -6.67 -4.19 22.50
N ARG A 292 -5.98 -3.60 21.55
CA ARG A 292 -4.62 -3.08 21.77
C ARG A 292 -4.68 -1.76 22.52
N ILE A 293 -3.55 -1.33 23.09
CA ILE A 293 -3.34 0.08 23.42
C ILE A 293 -3.19 0.79 22.10
N GLN A 294 -3.73 2.00 21.98
CA GLN A 294 -3.75 2.68 20.70
C GLN A 294 -2.82 3.88 20.67
N VAL A 295 -2.53 4.33 19.47
CA VAL A 295 -1.76 5.53 19.22
C VAL A 295 -2.18 6.68 20.16
N GLU A 296 -3.49 6.92 20.23
CA GLU A 296 -4.07 8.12 20.87
C GLU A 296 -4.26 8.00 22.40
N HIS A 297 -3.72 6.93 23.00
CA HIS A 297 -3.91 6.71 24.43
C HIS A 297 -3.43 7.89 25.30
N PRO A 298 -2.35 8.59 24.89
CA PRO A 298 -1.86 9.64 25.80
C PRO A 298 -2.86 10.74 26.19
N VAL A 299 -3.82 11.10 25.34
CA VAL A 299 -4.78 12.15 25.75
C VAL A 299 -5.63 11.73 26.96
N THR A 300 -5.97 10.45 27.01
CA THR A 300 -6.71 9.88 28.14
C THR A 300 -5.87 9.90 29.42
N GLU A 301 -4.59 9.57 29.28
CA GLU A 301 -3.64 9.64 30.41
C GLU A 301 -3.56 11.05 31.01
N MET A 302 -3.53 12.08 30.15
CA MET A 302 -3.37 13.45 30.62
C MET A 302 -4.57 13.90 31.48
N ILE A 303 -5.78 13.53 31.06
CA ILE A 303 -7.00 14.01 31.73
C ILE A 303 -7.44 13.16 32.92
N THR A 304 -6.85 11.98 33.10
CA THR A 304 -7.19 11.06 34.22
C THR A 304 -6.03 10.80 35.19
N GLY A 305 -4.80 11.09 34.79
CA GLY A 305 -3.62 10.75 35.58
C GLY A 305 -3.20 9.27 35.55
N VAL A 306 -3.94 8.44 34.81
CA VAL A 306 -3.63 7.01 34.76
C VAL A 306 -2.63 6.69 33.66
N ASP A 307 -1.58 5.95 34.04
CA ASP A 307 -0.58 5.49 33.11
C ASP A 307 -1.06 4.15 32.55
N LEU A 308 -1.54 4.18 31.30
CA LEU A 308 -2.25 3.05 30.72
C LEU A 308 -1.32 1.87 30.42
N ILE A 309 -0.09 2.16 30.02
CA ILE A 309 0.88 1.10 29.74
C ILE A 309 1.28 0.41 31.04
N LYS A 310 1.56 1.19 32.08
CA LYS A 310 1.86 0.59 33.38
C LYS A 310 0.70 -0.27 33.86
N GLU A 311 -0.55 0.18 33.66
CA GLU A 311 -1.71 -0.64 34.04
C GLU A 311 -1.74 -1.96 33.25
N GLN A 312 -1.48 -1.91 31.94
CA GLN A 312 -1.40 -3.14 31.14
C GLN A 312 -0.43 -4.15 31.75
N LEU A 313 0.75 -3.68 32.14
CA LEU A 313 1.80 -4.54 32.68
C LEU A 313 1.42 -5.09 34.06
N ARG A 314 0.82 -4.25 34.90
CA ARG A 314 0.34 -4.70 36.21
C ARG A 314 -0.73 -5.79 36.06
N ILE A 315 -1.68 -5.56 35.16
CA ILE A 315 -2.75 -6.52 34.86
C ILE A 315 -2.17 -7.86 34.41
N ALA A 316 -1.20 -7.81 33.50
CA ALA A 316 -0.58 -9.01 32.96
C ALA A 316 0.15 -9.80 34.06
N ALA A 317 0.70 -9.10 35.05
CA ALA A 317 1.39 -9.73 36.19
C ALA A 317 0.45 -10.32 37.24
N GLY A 318 -0.84 -10.01 37.14
CA GLY A 318 -1.84 -10.50 38.08
C GLY A 318 -2.20 -9.50 39.15
N GLN A 319 -1.74 -8.26 39.02
CA GLN A 319 -2.12 -7.22 39.97
C GLN A 319 -3.46 -6.62 39.59
N PRO A 320 -4.25 -6.20 40.59
CA PRO A 320 -5.51 -5.55 40.28
C PRO A 320 -5.26 -4.12 39.78
N LEU A 321 -6.29 -3.51 39.22
CA LEU A 321 -6.17 -2.14 38.74
C LEU A 321 -5.77 -1.24 39.90
N SER A 322 -4.87 -0.30 39.63
CA SER A 322 -4.33 0.57 40.68
C SER A 322 -5.36 1.63 41.11
N ILE A 323 -6.47 1.75 40.39
CA ILE A 323 -7.52 2.73 40.71
C ILE A 323 -8.93 2.16 40.54
N LYS A 324 -9.83 2.64 41.38
CA LYS A 324 -11.24 2.30 41.31
C LYS A 324 -11.97 3.32 40.43
N GLN A 325 -13.17 2.98 39.99
CA GLN A 325 -13.96 3.87 39.14
C GLN A 325 -14.21 5.23 39.81
N GLU A 326 -14.51 5.21 41.09
CA GLU A 326 -14.76 6.43 41.86
C GLU A 326 -13.54 7.34 41.98
N GLU A 327 -12.36 6.78 41.72
CA GLU A 327 -11.10 7.53 41.74
C GLU A 327 -10.71 8.06 40.36
N VAL A 328 -11.51 7.75 39.34
CA VAL A 328 -11.28 8.23 37.98
C VAL A 328 -12.03 9.53 37.79
N HIS A 329 -11.29 10.63 37.67
CA HIS A 329 -11.89 11.94 37.43
C HIS A 329 -11.32 12.58 36.18
N VAL A 330 -12.20 13.04 35.29
CA VAL A 330 -11.80 13.84 34.16
C VAL A 330 -11.46 15.24 34.67
N ARG A 331 -10.24 15.67 34.38
CA ARG A 331 -9.77 16.97 34.78
C ARG A 331 -9.00 17.58 33.63
N GLY A 332 -9.35 18.80 33.26
CA GLY A 332 -8.72 19.49 32.15
C GLY A 332 -9.05 18.90 30.79
N HIS A 333 -8.17 19.15 29.84
CA HIS A 333 -8.41 18.79 28.46
C HIS A 333 -7.07 18.55 27.78
N ALA A 334 -7.02 17.56 26.90
CA ALA A 334 -5.78 17.23 26.20
C ALA A 334 -6.03 17.06 24.71
N VAL A 335 -5.06 17.52 23.92
CA VAL A 335 -5.09 17.44 22.47
C VAL A 335 -3.80 16.79 21.99
N GLU A 336 -3.93 15.84 21.05
CA GLU A 336 -2.79 15.18 20.42
C GLU A 336 -2.77 15.49 18.93
N CYS A 337 -1.61 15.94 18.47
CA CYS A 337 -1.33 16.13 17.05
C CYS A 337 -0.32 15.08 16.60
N ARG A 338 -0.74 14.22 15.67
CA ARG A 338 0.19 13.23 15.09
C ARG A 338 1.15 13.93 14.15
N ILE A 339 2.45 13.68 14.34
CA ILE A 339 3.49 14.20 13.47
C ILE A 339 3.93 13.11 12.49
N ASN A 340 3.73 13.38 11.20
CA ASN A 340 3.98 12.44 10.14
C ASN A 340 5.10 12.95 9.25
N ALA A 341 5.96 12.04 8.80
CA ALA A 341 6.89 12.32 7.70
C ALA A 341 6.15 12.04 6.40
N GLU A 342 5.56 13.10 5.83
CA GLU A 342 4.70 12.98 4.66
C GLU A 342 4.82 14.22 3.80
N ASP A 343 4.57 14.05 2.50
CA ASP A 343 4.56 15.16 1.55
C ASP A 343 3.23 15.92 1.65
N PRO A 344 3.28 17.26 1.72
CA PRO A 344 2.05 18.07 1.93
C PRO A 344 1.04 18.03 0.77
N ASN A 345 1.52 17.76 -0.44
CA ASN A 345 0.66 17.77 -1.63
C ASN A 345 0.12 16.39 -1.97
N THR A 346 0.93 15.35 -1.77
CA THR A 346 0.51 13.98 -2.07
C THR A 346 -0.02 13.22 -0.84
N PHE A 347 0.45 13.59 0.35
CA PHE A 347 0.21 12.86 1.60
C PHE A 347 0.86 11.45 1.65
N LEU A 348 1.79 11.18 0.73
CA LEU A 348 2.54 9.94 0.75
C LEU A 348 3.64 10.06 1.78
N PRO A 349 4.08 8.91 2.37
CA PRO A 349 5.22 8.93 3.28
C PRO A 349 6.42 9.59 2.64
N SER A 350 7.15 10.39 3.42
CA SER A 350 8.31 11.12 2.95
C SER A 350 9.51 10.79 3.85
N PRO A 351 10.07 9.59 3.69
CA PRO A 351 11.21 9.18 4.53
C PRO A 351 12.47 9.99 4.26
N GLY A 352 13.47 9.84 5.11
CA GLY A 352 14.72 10.57 4.97
C GLY A 352 15.46 10.80 6.25
N LYS A 353 16.60 11.48 6.15
CA LYS A 353 17.45 11.76 7.29
C LYS A 353 17.09 13.11 7.89
N ILE A 354 16.82 13.10 9.19
CA ILE A 354 16.57 14.32 9.95
C ILE A 354 17.91 14.98 10.24
N THR A 355 18.07 16.24 9.81
CA THR A 355 19.34 16.94 9.94
C THR A 355 19.40 17.85 11.16
N ARG A 356 18.26 18.43 11.53
CA ARG A 356 18.14 19.26 12.72
C ARG A 356 16.85 18.89 13.43
N PHE A 357 16.93 18.72 14.74
CA PHE A 357 15.76 18.39 15.52
C PHE A 357 15.69 19.16 16.83
N HIS A 358 14.51 19.71 17.10
CA HIS A 358 14.25 20.33 18.38
C HIS A 358 12.84 20.05 18.85
N ALA A 359 12.73 19.50 20.05
CA ALA A 359 11.43 19.18 20.66
C ALA A 359 10.93 20.37 21.45
N PRO A 360 9.60 20.59 21.46
CA PRO A 360 9.04 21.64 22.32
C PRO A 360 9.08 21.22 23.79
N GLY A 361 8.93 22.20 24.69
CA GLY A 361 8.89 21.93 26.12
C GLY A 361 7.86 22.84 26.77
N GLY A 362 7.84 22.82 28.09
CA GLY A 362 6.97 23.70 28.87
C GLY A 362 5.92 22.94 29.67
N PHE A 363 5.14 23.71 30.42
CA PHE A 363 4.04 23.22 31.24
C PHE A 363 2.94 22.64 30.35
N GLY A 364 2.56 21.41 30.62
CA GLY A 364 1.49 20.74 29.88
C GLY A 364 1.89 20.18 28.53
N VAL A 365 3.18 20.22 28.20
CA VAL A 365 3.67 19.75 26.91
C VAL A 365 4.34 18.37 27.02
N ARG A 366 3.80 17.40 26.25
CA ARG A 366 4.33 16.03 26.24
C ARG A 366 4.67 15.61 24.82
N TRP A 367 5.92 15.21 24.62
CA TRP A 367 6.43 14.84 23.31
C TRP A 367 6.76 13.35 23.35
N GLU A 368 6.09 12.60 22.48
CA GLU A 368 6.24 11.15 22.37
C GLU A 368 6.82 10.83 20.99
N SER A 369 8.13 10.58 20.96
CA SER A 369 8.83 10.28 19.72
C SER A 369 10.22 9.69 19.95
N HIS A 370 10.59 8.78 19.06
CA HIS A 370 11.91 8.17 19.00
C HIS A 370 12.94 8.99 18.18
N ILE A 371 12.48 10.01 17.44
CA ILE A 371 13.37 10.71 16.52
C ILE A 371 14.41 11.56 17.22
N TYR A 372 15.54 11.77 16.55
CA TYR A 372 16.60 12.63 17.04
C TYR A 372 17.39 13.18 15.86
N ALA A 373 18.24 14.16 16.14
CA ALA A 373 19.06 14.77 15.10
C ALA A 373 20.01 13.72 14.50
N GLY A 374 19.95 13.57 13.18
CA GLY A 374 20.78 12.60 12.46
C GLY A 374 20.14 11.23 12.30
N TYR A 375 18.96 11.05 12.88
CA TYR A 375 18.19 9.82 12.72
C TYR A 375 17.58 9.77 11.33
N THR A 376 17.66 8.58 10.69
CA THR A 376 17.02 8.34 9.40
C THR A 376 15.69 7.60 9.56
N VAL A 377 14.62 8.23 9.09
CA VAL A 377 13.29 7.63 9.01
C VAL A 377 13.33 6.64 7.84
N PRO A 378 13.20 5.32 8.12
CA PRO A 378 13.24 4.36 7.00
C PRO A 378 11.97 4.37 6.16
N PRO A 379 12.05 3.89 4.90
CA PRO A 379 10.87 3.82 4.02
C PRO A 379 9.92 2.64 4.28
N TYR A 380 10.30 1.71 5.17
CA TYR A 380 9.61 0.42 5.26
C TYR A 380 8.43 0.37 6.22
N TYR A 381 8.22 1.46 6.96
CA TYR A 381 7.28 1.45 8.08
C TYR A 381 6.34 2.66 7.97
N ASP A 382 5.42 2.80 8.91
CA ASP A 382 4.41 3.85 8.88
C ASP A 382 5.05 5.25 8.93
N SER A 383 4.33 6.24 8.42
CA SER A 383 4.83 7.62 8.33
C SER A 383 4.80 8.41 9.64
N MET A 384 4.10 7.91 10.65
CA MET A 384 3.98 8.65 11.90
C MET A 384 5.28 8.53 12.68
N ILE A 385 5.93 9.67 12.91
CA ILE A 385 7.24 9.72 13.54
C ILE A 385 7.24 10.24 14.98
N GLY A 386 6.15 10.86 15.40
CA GLY A 386 6.03 11.40 16.75
C GLY A 386 4.61 11.83 17.06
N LYS A 387 4.36 12.12 18.33
CA LYS A 387 3.06 12.63 18.79
C LYS A 387 3.31 13.76 19.78
N LEU A 388 2.71 14.91 19.49
CA LEU A 388 2.78 16.07 20.37
C LEU A 388 1.46 16.12 21.14
N ILE A 389 1.55 16.03 22.46
CA ILE A 389 0.37 16.05 23.31
C ILE A 389 0.44 17.25 24.26
N CYS A 390 -0.59 18.10 24.22
CA CYS A 390 -0.65 19.25 25.10
C CYS A 390 -1.88 19.21 25.98
N TYR A 391 -1.67 19.45 27.28
CA TYR A 391 -2.73 19.47 28.28
C TYR A 391 -2.94 20.89 28.82
N GLY A 392 -4.20 21.21 29.14
CA GLY A 392 -4.52 22.42 29.90
C GLY A 392 -5.76 22.29 30.78
N GLU A 393 -6.02 23.32 31.57
CA GLU A 393 -7.15 23.33 32.51
C GLU A 393 -8.48 23.33 31.77
N ASN A 394 -8.44 23.78 30.52
CA ASN A 394 -9.58 23.70 29.60
C ASN A 394 -9.10 23.54 28.15
N ARG A 395 -10.04 23.29 27.25
CA ARG A 395 -9.73 23.05 25.84
C ARG A 395 -8.98 24.21 25.19
N ASP A 396 -9.38 25.44 25.50
CA ASP A 396 -8.74 26.62 24.90
C ASP A 396 -7.25 26.69 25.28
N VAL A 397 -6.93 26.39 26.54
CA VAL A 397 -5.53 26.38 27.00
C VAL A 397 -4.74 25.25 26.31
N ALA A 398 -5.33 24.07 26.23
CA ALA A 398 -4.71 22.94 25.52
C ALA A 398 -4.34 23.31 24.08
N ILE A 399 -5.28 23.94 23.38
CA ILE A 399 -5.07 24.37 21.99
C ILE A 399 -4.00 25.47 21.88
N ALA A 400 -4.06 26.46 22.77
CA ALA A 400 -3.05 27.51 22.83
C ALA A 400 -1.64 26.95 23.02
N ARG A 401 -1.49 26.00 23.95
CA ARG A 401 -0.21 25.35 24.20
C ARG A 401 0.23 24.55 22.97
N MET A 402 -0.71 23.87 22.30
CA MET A 402 -0.39 23.12 21.09
C MET A 402 0.21 24.04 20.02
N LYS A 403 -0.44 25.18 19.80
CA LYS A 403 0.02 26.18 18.82
C LYS A 403 1.47 26.59 19.11
N ASN A 404 1.76 26.91 20.38
CA ASN A 404 3.10 27.32 20.80
C ASN A 404 4.10 26.20 20.59
N ALA A 405 3.70 24.98 20.96
CA ALA A 405 4.57 23.82 20.89
C ALA A 405 4.91 23.46 19.44
N LEU A 406 3.90 23.50 18.57
CA LEU A 406 4.10 23.27 17.14
C LEU A 406 5.07 24.27 16.52
N GLN A 407 5.05 25.51 17.02
CA GLN A 407 5.97 26.56 16.56
C GLN A 407 7.41 26.34 17.04
N GLU A 408 7.58 25.67 18.16
CA GLU A 408 8.93 25.33 18.65
C GLU A 408 9.52 24.09 18.01
N LEU A 409 8.65 23.20 17.53
CA LEU A 409 9.09 21.94 16.96
C LEU A 409 9.89 22.17 15.68
N ILE A 410 11.13 21.69 15.67
CA ILE A 410 11.96 21.72 14.47
C ILE A 410 12.25 20.30 14.02
N ILE A 411 11.88 19.99 12.77
CA ILE A 411 12.23 18.73 12.13
C ILE A 411 12.66 19.05 10.70
N ASP A 412 13.95 19.29 10.51
CA ASP A 412 14.48 19.63 9.18
C ASP A 412 15.05 18.39 8.53
N GLY A 413 15.09 18.41 7.19
CA GLY A 413 15.69 17.35 6.39
C GLY A 413 14.66 16.44 5.75
N ILE A 414 13.46 16.43 6.31
CA ILE A 414 12.34 15.64 5.79
C ILE A 414 11.10 16.51 5.80
N LYS A 415 10.12 16.15 4.97
CA LYS A 415 8.86 16.86 4.90
C LYS A 415 7.93 16.32 5.98
N THR A 416 7.26 17.22 6.69
CA THR A 416 6.32 16.83 7.75
C THR A 416 4.99 17.58 7.64
N ASN A 417 4.03 17.17 8.47
CA ASN A 417 2.71 17.80 8.52
C ASN A 417 2.59 18.83 9.65
N VAL A 418 3.70 19.36 10.13
CA VAL A 418 3.65 20.36 11.20
C VAL A 418 2.85 21.59 10.77
N ASP A 419 3.08 22.06 9.55
CA ASP A 419 2.34 23.21 9.04
C ASP A 419 0.84 22.94 8.95
N LEU A 420 0.46 21.73 8.53
CA LEU A 420 -0.95 21.36 8.47
C LEU A 420 -1.56 21.38 9.87
N GLN A 421 -0.84 20.82 10.84
CA GLN A 421 -1.31 20.81 12.22
C GLN A 421 -1.54 22.22 12.76
N ILE A 422 -0.60 23.13 12.48
CA ILE A 422 -0.76 24.54 12.85
C ILE A 422 -2.05 25.13 12.23
N ARG A 423 -2.30 24.82 10.95
CA ARG A 423 -3.54 25.27 10.28
C ARG A 423 -4.79 24.75 10.97
N ILE A 424 -4.76 23.50 11.41
CA ILE A 424 -5.90 22.91 12.09
C ILE A 424 -6.13 23.60 13.43
N MET A 425 -5.07 23.84 14.20
CA MET A 425 -5.20 24.53 15.49
C MET A 425 -5.78 25.93 15.30
N ASN A 426 -5.42 26.57 14.18
CA ASN A 426 -5.93 27.90 13.85
C ASN A 426 -7.31 27.93 13.17
N ASP A 427 -7.90 26.74 12.95
CA ASP A 427 -9.18 26.62 12.26
C ASP A 427 -10.32 27.03 13.20
N GLU A 428 -11.15 27.95 12.75
CA GLU A 428 -12.23 28.51 13.58
C GLU A 428 -13.28 27.47 13.98
N ASN A 429 -13.55 26.52 13.10
CA ASN A 429 -14.50 25.45 13.42
C ASN A 429 -13.89 24.47 14.44
N PHE A 430 -12.63 24.10 14.25
CA PHE A 430 -11.91 23.32 15.27
C PHE A 430 -11.89 24.06 16.61
N GLN A 431 -11.60 25.35 16.60
CA GLN A 431 -11.61 26.15 17.83
C GLN A 431 -12.97 26.17 18.52
N HIS A 432 -14.05 26.21 17.73
CA HIS A 432 -15.40 26.05 18.27
C HIS A 432 -15.57 24.63 18.84
N GLY A 433 -15.10 23.64 18.09
CA GLY A 433 -15.13 22.26 18.52
C GLY A 433 -16.34 21.51 18.01
N GLY A 434 -16.27 20.19 18.05
CA GLY A 434 -17.38 19.33 17.66
C GLY A 434 -17.56 19.12 16.17
N THR A 435 -16.51 19.34 15.39
CA THR A 435 -16.59 19.09 13.94
C THR A 435 -16.71 17.58 13.68
N ASN A 436 -17.40 17.22 12.61
CA ASN A 436 -17.67 15.81 12.31
C ASN A 436 -16.53 15.11 11.56
N ILE A 437 -16.68 13.81 11.30
CA ILE A 437 -15.63 13.01 10.69
C ILE A 437 -15.23 13.47 9.27
N HIS A 438 -16.14 14.17 8.59
CA HIS A 438 -15.90 14.65 7.23
C HIS A 438 -15.15 15.98 7.16
N TYR A 439 -15.00 16.67 8.28
CA TYR A 439 -14.57 18.07 8.24
C TYR A 439 -13.19 18.30 7.59
N LEU A 440 -12.18 17.54 8.01
CA LEU A 440 -10.81 17.78 7.53
C LEU A 440 -10.69 17.61 6.01
N GLU A 441 -11.29 16.54 5.47
CA GLU A 441 -11.21 16.30 4.03
C GLU A 441 -11.93 17.39 3.23
N LYS A 442 -13.00 17.94 3.80
CA LYS A 442 -13.72 19.06 3.17
C LYS A 442 -12.89 20.35 3.22
N LYS A 443 -12.27 20.61 4.37
CA LYS A 443 -11.34 21.75 4.54
C LYS A 443 -10.20 21.68 3.52
N LEU A 444 -9.59 20.50 3.39
CA LEU A 444 -8.50 20.28 2.45
C LEU A 444 -8.97 20.41 0.99
N GLY A 445 -10.20 19.98 0.71
CA GLY A 445 -10.78 20.10 -0.62
C GLY A 445 -10.93 21.54 -1.08
N LEU A 446 -11.31 22.43 -0.15
CA LEU A 446 -11.47 23.85 -0.44
C LEU A 446 -10.14 24.58 -0.60
N MET B 1 20.19 -5.15 -0.62
CA MET B 1 19.44 -5.83 -1.67
C MET B 1 18.47 -6.88 -1.10
N LEU B 2 17.46 -7.21 -1.91
CA LEU B 2 16.37 -8.09 -1.48
C LEU B 2 16.87 -9.53 -1.39
N ASP B 3 16.56 -10.22 -0.29
CA ASP B 3 17.04 -11.59 -0.11
C ASP B 3 16.37 -12.54 -1.10
N LYS B 4 15.04 -12.42 -1.21
CA LYS B 4 14.22 -13.37 -1.93
C LYS B 4 12.93 -12.69 -2.37
N ILE B 5 12.55 -12.89 -3.64
CA ILE B 5 11.34 -12.28 -4.17
C ILE B 5 10.44 -13.29 -4.86
N VAL B 6 9.14 -12.99 -4.84
CA VAL B 6 8.17 -13.71 -5.64
C VAL B 6 7.98 -12.97 -6.97
N ILE B 7 8.07 -13.73 -8.05
CA ILE B 7 7.81 -13.21 -9.40
C ILE B 7 6.34 -13.52 -9.71
N ALA B 8 5.47 -12.52 -9.47
CA ALA B 8 4.02 -12.68 -9.62
C ALA B 8 3.59 -12.46 -11.08
N ASN B 9 4.10 -13.32 -11.96
CA ASN B 9 3.81 -13.23 -13.39
C ASN B 9 4.24 -14.53 -14.06
N ARG B 10 4.25 -14.52 -15.39
CA ARG B 10 4.53 -15.71 -16.18
C ARG B 10 5.23 -15.33 -17.47
N GLY B 11 5.57 -16.33 -18.28
CA GLY B 11 6.04 -16.10 -19.64
C GLY B 11 7.34 -15.34 -19.72
N GLU B 12 7.45 -14.49 -20.74
CA GLU B 12 8.73 -13.87 -21.05
C GLU B 12 9.18 -12.91 -19.95
N ILE B 13 8.23 -12.14 -19.41
CA ILE B 13 8.56 -11.13 -18.39
C ILE B 13 8.98 -11.77 -17.07
N ALA B 14 8.39 -12.90 -16.71
CA ALA B 14 8.83 -13.66 -15.53
C ALA B 14 10.30 -14.09 -15.68
N LEU B 15 10.66 -14.55 -16.88
CA LEU B 15 12.04 -14.93 -17.16
C LEU B 15 12.99 -13.73 -17.12
N ARG B 16 12.57 -12.62 -17.73
CA ARG B 16 13.30 -11.35 -17.71
C ARG B 16 13.65 -10.96 -16.27
N ILE B 17 12.64 -11.04 -15.40
CA ILE B 17 12.79 -10.71 -14.01
C ILE B 17 13.71 -11.72 -13.27
N LEU B 18 13.54 -13.01 -13.53
CA LEU B 18 14.40 -14.05 -12.94
C LEU B 18 15.88 -13.79 -13.23
N ARG B 19 16.19 -13.47 -14.48
CA ARG B 19 17.58 -13.20 -14.88
C ARG B 19 18.17 -11.99 -14.13
N ALA B 20 17.40 -10.90 -14.02
CA ALA B 20 17.82 -9.73 -13.24
C ALA B 20 18.07 -10.08 -11.76
N CYS B 21 17.15 -10.84 -11.17
CA CYS B 21 17.34 -11.33 -9.80
C CYS B 21 18.63 -12.12 -9.65
N LYS B 22 18.83 -13.10 -10.53
CA LYS B 22 20.00 -13.96 -10.50
C LYS B 22 21.29 -13.16 -10.57
N GLU B 23 21.32 -12.17 -11.47
CA GLU B 23 22.47 -11.28 -11.60
C GLU B 23 22.81 -10.58 -10.29
N LEU B 24 21.77 -10.19 -9.55
CA LEU B 24 21.94 -9.46 -8.31
C LEU B 24 22.04 -10.36 -7.07
N GLY B 25 21.98 -11.67 -7.24
CA GLY B 25 22.05 -12.62 -6.12
C GLY B 25 20.77 -12.69 -5.31
N ILE B 26 19.65 -12.28 -5.92
CA ILE B 26 18.34 -12.35 -5.29
C ILE B 26 17.71 -13.72 -5.56
N LYS B 27 17.32 -14.40 -4.48
CA LYS B 27 16.68 -15.72 -4.61
C LYS B 27 15.30 -15.56 -5.24
N THR B 28 14.90 -16.51 -6.06
CA THR B 28 13.64 -16.42 -6.79
C THR B 28 12.60 -17.46 -6.33
N VAL B 29 11.36 -16.99 -6.24
CA VAL B 29 10.21 -17.85 -6.03
C VAL B 29 9.29 -17.69 -7.24
N ALA B 30 9.13 -18.75 -8.01
CA ALA B 30 8.24 -18.76 -9.16
C ALA B 30 6.88 -19.31 -8.73
N VAL B 31 5.90 -18.42 -8.61
CA VAL B 31 4.51 -18.82 -8.41
C VAL B 31 3.89 -19.05 -9.80
N HIS B 32 3.16 -20.16 -9.95
CA HIS B 32 2.65 -20.54 -11.26
C HIS B 32 1.33 -21.29 -11.18
N SER B 33 0.56 -21.23 -12.26
CA SER B 33 -0.63 -22.05 -12.39
C SER B 33 -0.22 -23.48 -12.72
N SER B 34 -1.15 -24.41 -12.53
CA SER B 34 -0.88 -25.81 -12.85
C SER B 34 -0.55 -26.02 -14.33
N ALA B 35 -1.00 -25.12 -15.21
CA ALA B 35 -0.72 -25.20 -16.65
C ALA B 35 0.65 -24.65 -17.04
N ASP B 36 1.33 -23.99 -16.11
CA ASP B 36 2.61 -23.32 -16.36
C ASP B 36 3.78 -23.97 -15.61
N ARG B 37 3.62 -25.23 -15.22
CA ARG B 37 4.65 -25.98 -14.50
C ARG B 37 5.95 -26.07 -15.31
N ASP B 38 5.84 -26.11 -16.63
CA ASP B 38 7.00 -26.27 -17.50
C ASP B 38 7.51 -24.95 -18.11
N LEU B 39 7.06 -23.82 -17.58
CA LEU B 39 7.63 -22.53 -18.00
C LEU B 39 9.13 -22.49 -17.73
N LYS B 40 9.87 -21.89 -18.66
CA LYS B 40 11.33 -21.83 -18.53
C LYS B 40 11.77 -21.19 -17.21
N HIS B 41 11.15 -20.07 -16.82
CA HIS B 41 11.57 -19.42 -15.58
C HIS B 41 11.21 -20.28 -14.35
N VAL B 42 10.11 -21.04 -14.42
CA VAL B 42 9.74 -21.94 -13.32
C VAL B 42 10.83 -23.01 -13.14
N LEU B 43 11.32 -23.56 -14.27
CA LEU B 43 12.33 -24.61 -14.24
C LEU B 43 13.69 -24.08 -13.78
N LEU B 44 13.92 -22.78 -13.91
CA LEU B 44 15.17 -22.13 -13.50
C LEU B 44 15.11 -21.53 -12.09
N ALA B 45 13.90 -21.36 -11.54
CA ALA B 45 13.73 -20.67 -10.25
C ALA B 45 14.27 -21.47 -9.08
N ASP B 46 14.65 -20.77 -8.02
CA ASP B 46 15.19 -21.42 -6.81
C ASP B 46 14.13 -22.21 -6.07
N GLU B 47 12.92 -21.64 -5.99
CA GLU B 47 11.77 -22.30 -5.38
C GLU B 47 10.57 -22.08 -6.28
N THR B 48 9.64 -23.03 -6.24
CA THR B 48 8.38 -22.92 -6.99
C THR B 48 7.19 -23.24 -6.11
N VAL B 49 6.07 -22.57 -6.40
CA VAL B 49 4.80 -22.78 -5.70
C VAL B 49 3.69 -22.77 -6.74
N CYS B 50 2.92 -23.85 -6.80
CA CYS B 50 1.71 -23.84 -7.63
C CYS B 50 0.62 -23.09 -6.89
N ILE B 51 0.13 -22.01 -7.49
CA ILE B 51 -0.82 -21.13 -6.81
C ILE B 51 -2.26 -21.32 -7.27
N GLY B 52 -2.50 -22.30 -8.14
CA GLY B 52 -3.88 -22.61 -8.53
C GLY B 52 -4.01 -23.18 -9.93
N PRO B 53 -5.26 -23.48 -10.34
CA PRO B 53 -5.52 -24.01 -11.67
C PRO B 53 -5.29 -22.99 -12.79
N ALA B 54 -5.41 -23.46 -14.02
CA ALA B 54 -5.03 -22.69 -15.22
C ALA B 54 -5.60 -21.29 -15.33
N PRO B 55 -6.93 -21.09 -15.16
CA PRO B 55 -7.48 -19.75 -15.39
C PRO B 55 -6.85 -18.69 -14.49
N SER B 56 -6.61 -17.51 -15.06
CA SER B 56 -5.87 -16.46 -14.36
C SER B 56 -6.56 -16.04 -13.06
N VAL B 57 -7.90 -15.97 -13.08
CA VAL B 57 -8.66 -15.63 -11.87
C VAL B 57 -8.34 -16.55 -10.69
N LYS B 58 -8.00 -17.80 -10.99
CA LYS B 58 -7.70 -18.80 -9.97
C LYS B 58 -6.23 -18.85 -9.58
N SER B 59 -5.39 -18.16 -10.33
CA SER B 59 -3.95 -18.27 -10.14
C SER B 59 -3.31 -16.89 -10.11
N TYR B 60 -2.96 -16.34 -11.28
CA TYR B 60 -2.16 -15.11 -11.35
C TYR B 60 -2.87 -13.85 -10.86
N LEU B 61 -4.19 -13.91 -10.72
CA LEU B 61 -5.00 -12.81 -10.19
C LEU B 61 -5.53 -13.13 -8.78
N ASN B 62 -5.12 -14.28 -8.25
CA ASN B 62 -5.59 -14.77 -6.95
C ASN B 62 -4.69 -14.18 -5.85
N ILE B 63 -5.12 -13.03 -5.32
CA ILE B 63 -4.30 -12.28 -4.36
C ILE B 63 -3.92 -13.11 -3.12
N PRO B 64 -4.90 -13.73 -2.44
CA PRO B 64 -4.57 -14.58 -1.28
C PRO B 64 -3.56 -15.71 -1.54
N ALA B 65 -3.69 -16.38 -2.69
CA ALA B 65 -2.76 -17.46 -3.06
C ALA B 65 -1.32 -16.93 -3.25
N ILE B 66 -1.20 -15.78 -3.91
CA ILE B 66 0.11 -15.17 -4.13
C ILE B 66 0.76 -14.72 -2.81
N ILE B 67 -0.02 -14.04 -1.96
CA ILE B 67 0.46 -13.60 -0.65
C ILE B 67 0.87 -14.81 0.20
N SER B 68 0.03 -15.85 0.18
CA SER B 68 0.34 -17.09 0.90
C SER B 68 1.67 -17.69 0.45
N ALA B 69 1.88 -17.81 -0.88
CA ALA B 69 3.13 -18.34 -1.41
C ALA B 69 4.33 -17.51 -0.95
N ALA B 70 4.17 -16.19 -0.98
CA ALA B 70 5.21 -15.26 -0.53
C ALA B 70 5.53 -15.43 0.95
N GLU B 71 4.49 -15.67 1.75
CA GLU B 71 4.65 -15.94 3.20
C GLU B 71 5.35 -17.28 3.48
N ILE B 72 4.87 -18.36 2.88
CA ILE B 72 5.42 -19.69 3.17
C ILE B 72 6.87 -19.87 2.71
N THR B 73 7.26 -19.22 1.62
CA THR B 73 8.64 -19.31 1.13
C THR B 73 9.62 -18.33 1.81
N GLY B 74 9.10 -17.42 2.63
CA GLY B 74 9.96 -16.47 3.33
C GLY B 74 10.47 -15.33 2.45
N ALA B 75 9.73 -15.03 1.38
CA ALA B 75 10.08 -13.92 0.49
C ALA B 75 9.91 -12.58 1.20
N VAL B 76 10.59 -11.55 0.71
CA VAL B 76 10.48 -10.20 1.26
C VAL B 76 9.89 -9.14 0.31
N ALA B 77 9.75 -9.50 -0.97
CA ALA B 77 9.17 -8.61 -1.98
C ALA B 77 8.44 -9.39 -3.06
N ILE B 78 7.58 -8.69 -3.79
CA ILE B 78 6.83 -9.27 -4.91
C ILE B 78 6.96 -8.36 -6.13
N HIS B 79 7.40 -8.92 -7.25
CA HIS B 79 7.42 -8.20 -8.55
C HIS B 79 6.21 -8.63 -9.36
N PRO B 80 5.32 -7.67 -9.69
CA PRO B 80 4.09 -8.00 -10.42
C PRO B 80 4.24 -8.02 -11.95
N GLY B 81 5.40 -7.63 -12.47
CA GLY B 81 5.63 -7.57 -13.91
C GLY B 81 4.71 -6.57 -14.58
N TYR B 82 4.18 -6.93 -15.74
CA TYR B 82 3.15 -6.13 -16.42
C TYR B 82 1.89 -6.99 -16.55
N GLY B 83 0.77 -6.32 -16.88
CA GLY B 83 -0.54 -6.97 -16.87
C GLY B 83 -0.86 -7.52 -15.49
N PHE B 84 -1.74 -8.52 -15.47
CA PHE B 84 -2.21 -9.18 -14.25
C PHE B 84 -2.50 -8.17 -13.11
N LEU B 85 -1.74 -8.21 -12.01
CA LEU B 85 -2.03 -7.37 -10.84
C LEU B 85 -1.12 -6.12 -10.71
N SER B 86 -0.33 -5.85 -11.74
CA SER B 86 0.69 -4.78 -11.66
C SER B 86 0.12 -3.35 -11.49
N GLU B 87 -1.09 -3.10 -11.99
CA GLU B 87 -1.74 -1.81 -11.75
C GLU B 87 -3.02 -1.98 -10.95
N ASN B 88 -3.06 -3.03 -10.14
CA ASN B 88 -4.12 -3.25 -9.18
C ASN B 88 -3.67 -2.63 -7.84
N ALA B 89 -4.22 -1.46 -7.53
CA ALA B 89 -3.82 -0.71 -6.34
C ALA B 89 -4.13 -1.45 -5.03
N ASN B 90 -5.26 -2.14 -4.99
CA ASN B 90 -5.61 -3.00 -3.84
C ASN B 90 -4.57 -4.10 -3.58
N PHE B 91 -4.06 -4.70 -4.67
CA PHE B 91 -2.98 -5.68 -4.55
C PHE B 91 -1.72 -5.02 -4.00
N ALA B 92 -1.34 -3.87 -4.58
CA ALA B 92 -0.17 -3.13 -4.11
C ALA B 92 -0.29 -2.78 -2.63
N GLU B 93 -1.48 -2.35 -2.23
CA GLU B 93 -1.75 -2.03 -0.83
C GLU B 93 -1.66 -3.28 0.05
N GLN B 94 -2.28 -4.37 -0.39
CA GLN B 94 -2.23 -5.63 0.37
C GLN B 94 -0.81 -6.17 0.57
N VAL B 95 0.01 -6.12 -0.49
CA VAL B 95 1.39 -6.55 -0.41
C VAL B 95 2.13 -5.82 0.73
N GLU B 96 1.99 -4.49 0.74
CA GLU B 96 2.61 -3.67 1.77
C GLU B 96 2.04 -3.95 3.16
N ARG B 97 0.72 -4.10 3.24
CA ARG B 97 0.04 -4.40 4.52
C ARG B 97 0.49 -5.72 5.12
N SER B 98 0.74 -6.69 4.26
CA SER B 98 1.23 -8.02 4.66
C SER B 98 2.74 -8.05 4.95
N GLY B 99 3.41 -6.91 4.79
CA GLY B 99 4.77 -6.71 5.27
C GLY B 99 5.84 -6.94 4.22
N PHE B 100 5.42 -7.07 2.97
CA PHE B 100 6.33 -7.25 1.83
C PHE B 100 6.62 -5.93 1.12
N ILE B 101 7.77 -5.87 0.46
CA ILE B 101 8.05 -4.79 -0.47
C ILE B 101 7.33 -5.07 -1.79
N PHE B 102 6.62 -4.05 -2.28
CA PHE B 102 5.96 -4.10 -3.58
C PHE B 102 6.89 -3.39 -4.56
N ILE B 103 7.36 -4.15 -5.55
CA ILE B 103 8.26 -3.61 -6.58
C ILE B 103 7.42 -2.86 -7.62
N GLY B 104 7.14 -1.60 -7.27
CA GLY B 104 6.25 -0.74 -8.03
C GLY B 104 6.00 0.53 -7.21
N PRO B 105 5.05 1.36 -7.67
CA PRO B 105 4.78 2.60 -6.93
C PRO B 105 3.91 2.35 -5.71
N LYS B 106 3.69 3.40 -4.92
CA LYS B 106 2.71 3.37 -3.84
C LYS B 106 1.32 3.14 -4.41
N ALA B 107 0.48 2.43 -3.67
CA ALA B 107 -0.89 2.13 -4.07
C ALA B 107 -1.68 3.39 -4.44
N GLU B 108 -1.51 4.47 -3.67
CA GLU B 108 -2.26 5.70 -3.94
C GLU B 108 -1.87 6.33 -5.28
N THR B 109 -0.61 6.13 -5.69
CA THR B 109 -0.11 6.60 -6.98
C THR B 109 -0.73 5.79 -8.13
N ILE B 110 -0.87 4.48 -7.93
CA ILE B 110 -1.53 3.61 -8.90
C ILE B 110 -2.99 4.05 -9.10
N ARG B 111 -3.67 4.34 -8.00
CA ARG B 111 -5.06 4.82 -8.07
C ARG B 111 -5.16 6.18 -8.74
N LEU B 112 -4.26 7.09 -8.38
CA LEU B 112 -4.25 8.44 -8.95
C LEU B 112 -4.12 8.38 -10.47
N MET B 113 -3.19 7.58 -10.97
CA MET B 113 -2.93 7.48 -12.40
C MET B 113 -3.79 6.40 -13.08
N GLY B 114 -4.46 5.57 -12.30
CA GLY B 114 -5.37 4.55 -12.83
C GLY B 114 -6.75 5.09 -13.15
N ASP B 115 -7.04 6.30 -12.66
CA ASP B 115 -8.29 6.98 -12.99
C ASP B 115 -7.96 8.17 -13.90
N LYS B 116 -8.54 8.16 -15.08
CA LYS B 116 -8.15 9.10 -16.13
C LYS B 116 -8.48 10.56 -15.79
N VAL B 117 -9.55 10.79 -15.04
CA VAL B 117 -9.89 12.14 -14.59
C VAL B 117 -8.84 12.70 -13.61
N SER B 118 -8.52 11.94 -12.58
CA SER B 118 -7.51 12.38 -11.60
C SER B 118 -6.10 12.41 -12.22
N ALA B 119 -5.83 11.48 -13.12
CA ALA B 119 -4.53 11.42 -13.80
C ALA B 119 -4.26 12.70 -14.59
N ILE B 120 -5.24 13.11 -15.38
CA ILE B 120 -5.09 14.32 -16.20
C ILE B 120 -4.91 15.56 -15.32
N ALA B 121 -5.69 15.66 -14.25
CA ALA B 121 -5.60 16.81 -13.35
C ALA B 121 -4.22 16.91 -12.71
N ALA B 122 -3.65 15.77 -12.34
CA ALA B 122 -2.28 15.73 -11.81
C ALA B 122 -1.27 16.17 -12.85
N MET B 123 -1.41 15.68 -14.08
CA MET B 123 -0.48 16.02 -15.15
C MET B 123 -0.54 17.51 -15.47
N LYS B 124 -1.75 18.04 -15.57
CA LYS B 124 -1.96 19.47 -15.87
C LYS B 124 -1.31 20.35 -14.81
N LYS B 125 -1.54 20.03 -13.55
CA LYS B 125 -0.93 20.72 -12.42
C LYS B 125 0.60 20.68 -12.49
N ALA B 126 1.14 19.51 -12.84
CA ALA B 126 2.59 19.31 -12.90
C ALA B 126 3.25 19.99 -14.10
N GLY B 127 2.46 20.36 -15.11
CA GLY B 127 2.98 21.03 -16.31
C GLY B 127 3.21 20.09 -17.49
N VAL B 128 2.66 18.89 -17.41
CA VAL B 128 2.72 17.92 -18.51
C VAL B 128 1.60 18.22 -19.49
N PRO B 129 1.93 18.40 -20.78
CA PRO B 129 0.89 18.78 -21.75
C PRO B 129 -0.16 17.69 -21.95
N CYS B 130 -1.43 18.11 -21.88
CA CYS B 130 -2.58 17.23 -22.04
C CYS B 130 -3.38 17.66 -23.26
N VAL B 131 -4.35 16.83 -23.64
CA VAL B 131 -5.17 17.11 -24.82
C VAL B 131 -6.21 18.18 -24.49
N PRO B 132 -6.23 19.30 -25.23
CA PRO B 132 -7.26 20.32 -25.04
C PRO B 132 -8.67 19.74 -25.03
N GLY B 133 -9.51 20.17 -24.09
CA GLY B 133 -10.85 19.61 -23.95
C GLY B 133 -11.61 20.11 -22.73
N SER B 134 -12.28 19.18 -22.05
CA SER B 134 -13.21 19.52 -20.96
C SER B 134 -12.51 19.89 -19.65
N ASP B 135 -11.45 19.15 -19.30
CA ASP B 135 -10.74 19.33 -18.04
C ASP B 135 -11.67 19.07 -16.84
N GLY B 136 -12.36 17.93 -16.90
CA GLY B 136 -13.28 17.53 -15.83
C GLY B 136 -14.07 16.28 -16.21
N PRO B 137 -14.76 15.67 -15.22
CA PRO B 137 -15.61 14.51 -15.53
C PRO B 137 -16.85 14.91 -16.35
N ASP B 196 -18.81 4.65 -14.36
CA ASP B 196 -19.42 5.26 -15.54
C ASP B 196 -19.00 6.73 -15.73
N MET B 197 -17.81 7.07 -15.25
CA MET B 197 -17.27 8.43 -15.39
C MET B 197 -16.64 8.59 -16.77
N VAL B 198 -16.86 9.74 -17.39
CA VAL B 198 -16.34 10.01 -18.72
C VAL B 198 -15.81 11.44 -18.83
N TYR B 199 -15.03 11.68 -19.88
CA TYR B 199 -14.49 13.02 -20.15
C TYR B 199 -14.27 13.22 -21.65
N MET B 200 -14.07 14.46 -22.06
CA MET B 200 -13.98 14.84 -23.47
C MET B 200 -12.63 15.49 -23.76
N GLU B 201 -12.05 15.15 -24.91
CA GLU B 201 -10.80 15.75 -25.36
C GLU B 201 -10.71 15.85 -26.90
N LYS B 202 -9.94 16.82 -27.37
CA LYS B 202 -9.71 17.08 -28.81
C LYS B 202 -9.14 15.86 -29.54
N TYR B 203 -9.80 15.44 -30.62
CA TYR B 203 -9.37 14.27 -31.37
C TYR B 203 -8.27 14.63 -32.38
N LEU B 204 -7.10 14.04 -32.19
CA LEU B 204 -5.95 14.26 -33.06
C LEU B 204 -6.00 13.21 -34.17
N GLU B 205 -6.01 13.65 -35.42
CA GLU B 205 -6.42 12.80 -36.54
C GLU B 205 -5.33 11.82 -36.98
N ASN B 206 -4.10 12.31 -37.10
CA ASN B 206 -2.96 11.46 -37.49
C ASN B 206 -1.77 11.63 -36.54
N PRO B 207 -1.90 11.15 -35.30
CA PRO B 207 -0.83 11.28 -34.33
C PRO B 207 0.08 10.05 -34.32
N ARG B 208 1.27 10.21 -33.73
CA ARG B 208 2.12 9.07 -33.39
C ARG B 208 1.99 8.77 -31.90
N HIS B 209 2.31 7.54 -31.52
CA HIS B 209 2.39 7.14 -30.13
C HIS B 209 3.85 7.24 -29.70
N VAL B 210 4.14 8.23 -28.89
CA VAL B 210 5.48 8.42 -28.35
C VAL B 210 5.37 8.45 -26.82
N GLU B 211 6.21 7.66 -26.16
CA GLU B 211 6.13 7.48 -24.72
C GLU B 211 7.51 7.66 -24.08
N ILE B 212 7.53 8.22 -22.87
CA ILE B 212 8.74 8.55 -22.16
C ILE B 212 8.92 7.57 -21.00
N GLN B 213 10.09 6.93 -20.97
CA GLN B 213 10.48 6.07 -19.85
C GLN B 213 11.04 6.91 -18.72
N VAL B 214 10.59 6.64 -17.50
CA VAL B 214 11.15 7.27 -16.32
C VAL B 214 11.54 6.24 -15.25
N LEU B 215 12.46 6.66 -14.39
CA LEU B 215 12.83 5.96 -13.17
C LEU B 215 12.81 7.01 -12.06
N ALA B 216 12.17 6.66 -10.93
CA ALA B 216 12.13 7.53 -9.77
C ALA B 216 12.35 6.67 -8.52
N ASP B 217 13.14 7.16 -7.58
CA ASP B 217 13.46 6.36 -6.38
C ASP B 217 12.44 6.52 -5.26
N GLY B 218 11.50 7.45 -5.44
CA GLY B 218 10.53 7.78 -4.39
C GLY B 218 11.15 8.56 -3.25
N GLN B 219 12.38 9.02 -3.46
CA GLN B 219 13.14 9.78 -2.46
C GLN B 219 13.45 11.19 -2.96
N GLY B 220 12.71 11.64 -3.97
CA GLY B 220 12.88 12.97 -4.56
C GLY B 220 13.62 13.02 -5.89
N ASN B 221 14.25 11.91 -6.27
CA ASN B 221 15.01 11.87 -7.52
C ASN B 221 14.24 11.18 -8.65
N ALA B 222 14.33 11.74 -9.85
CA ALA B 222 13.62 11.21 -11.01
C ALA B 222 14.32 11.57 -12.31
N ILE B 223 14.53 10.56 -13.15
CA ILE B 223 15.16 10.75 -14.46
C ILE B 223 14.30 10.21 -15.59
N TYR B 224 14.50 10.76 -16.79
CA TYR B 224 13.88 10.24 -18.00
C TYR B 224 14.94 9.54 -18.85
N LEU B 225 14.53 8.45 -19.50
CA LEU B 225 15.41 7.61 -20.28
C LEU B 225 14.92 7.60 -21.72
N ALA B 226 14.90 8.80 -22.31
CA ALA B 226 14.47 9.04 -23.68
C ALA B 226 13.04 8.54 -23.96
N GLU B 227 12.72 8.28 -25.22
CA GLU B 227 11.39 7.93 -25.64
C GLU B 227 11.35 6.65 -26.48
N ARG B 228 10.14 6.16 -26.70
CA ARG B 228 9.89 5.06 -27.59
C ARG B 228 8.73 5.41 -28.49
N ASP B 229 8.83 5.05 -29.76
CA ASP B 229 7.70 5.17 -30.69
C ASP B 229 7.01 3.82 -30.83
N CYS B 230 5.71 3.79 -30.57
CA CYS B 230 4.93 2.54 -30.59
C CYS B 230 3.67 2.68 -31.45
N SER B 231 3.80 3.44 -32.54
CA SER B 231 2.68 3.74 -33.43
C SER B 231 2.18 2.53 -34.24
N MET B 232 3.03 1.53 -34.46
CA MET B 232 2.65 0.35 -35.23
C MET B 232 1.76 -0.55 -34.35
N GLN B 233 0.45 -0.54 -34.63
CA GLN B 233 -0.56 -1.13 -33.75
C GLN B 233 -1.70 -1.82 -34.50
N ARG B 234 -2.29 -2.84 -33.89
CA ARG B 234 -3.54 -3.46 -34.37
C ARG B 234 -4.51 -3.59 -33.21
N ARG B 235 -5.73 -3.10 -33.40
CA ARG B 235 -6.73 -3.06 -32.34
C ARG B 235 -6.14 -2.48 -31.05
N HIS B 236 -5.47 -1.35 -31.20
CA HIS B 236 -4.84 -0.62 -30.09
C HIS B 236 -3.75 -1.40 -29.33
N GLN B 237 -3.27 -2.51 -29.89
CA GLN B 237 -2.17 -3.27 -29.30
C GLN B 237 -0.90 -3.05 -30.12
N LYS B 238 0.20 -2.75 -29.44
CA LYS B 238 1.47 -2.46 -30.08
C LYS B 238 2.03 -3.72 -30.74
N VAL B 239 2.63 -3.56 -31.91
CA VAL B 239 3.20 -4.68 -32.68
C VAL B 239 4.71 -4.55 -32.86
N VAL B 240 5.14 -3.33 -33.16
CA VAL B 240 6.55 -2.95 -33.22
C VAL B 240 6.75 -1.71 -32.36
N GLU B 241 7.86 -1.68 -31.61
CA GLU B 241 8.30 -0.49 -30.91
C GLU B 241 9.75 -0.19 -31.25
N GLU B 242 10.14 1.08 -31.13
CA GLU B 242 11.51 1.48 -31.38
C GLU B 242 11.95 2.63 -30.50
N ALA B 243 13.25 2.73 -30.29
CA ALA B 243 13.85 3.82 -29.52
C ALA B 243 15.19 4.21 -30.17
N PRO B 244 15.50 5.52 -30.24
CA PRO B 244 14.59 6.64 -30.00
C PRO B 244 13.48 6.73 -31.07
N ALA B 245 12.59 7.69 -30.90
CA ALA B 245 11.52 7.96 -31.88
C ALA B 245 12.06 8.81 -33.04
N PRO B 246 11.94 8.31 -34.29
CA PRO B 246 12.45 9.07 -35.45
C PRO B 246 11.91 10.49 -35.50
N GLY B 247 12.77 11.48 -35.78
CA GLY B 247 12.31 12.86 -35.92
C GLY B 247 12.35 13.67 -34.63
N ILE B 248 12.39 12.99 -33.49
CA ILE B 248 12.50 13.67 -32.20
C ILE B 248 13.91 14.18 -31.99
N THR B 249 14.05 15.49 -31.86
CA THR B 249 15.33 16.14 -31.64
C THR B 249 15.72 16.08 -30.17
N PRO B 250 17.02 16.27 -29.86
CA PRO B 250 17.47 16.39 -28.46
C PRO B 250 16.74 17.48 -27.67
N GLU B 251 16.33 18.54 -28.36
CA GLU B 251 15.64 19.68 -27.73
C GLU B 251 14.23 19.28 -27.30
N LEU B 252 13.52 18.62 -28.21
CA LEU B 252 12.16 18.18 -27.96
C LEU B 252 12.17 17.06 -26.90
N ARG B 253 13.19 16.21 -26.96
CA ARG B 253 13.39 15.13 -25.99
C ARG B 253 13.52 15.66 -24.56
N ARG B 254 14.44 16.62 -24.37
CA ARG B 254 14.64 17.20 -23.04
C ARG B 254 13.43 17.99 -22.59
N TYR B 255 12.72 18.62 -23.53
CA TYR B 255 11.52 19.39 -23.20
C TYR B 255 10.48 18.51 -22.52
N ILE B 256 10.12 17.41 -23.19
CA ILE B 256 9.09 16.51 -22.67
C ILE B 256 9.66 15.64 -21.52
N GLY B 257 10.93 15.27 -21.62
CA GLY B 257 11.59 14.48 -20.60
C GLY B 257 11.64 15.17 -19.25
N GLU B 258 12.06 16.43 -19.26
CA GLU B 258 12.11 17.22 -18.03
C GLU B 258 10.72 17.40 -17.38
N ARG B 259 9.68 17.58 -18.19
CA ARG B 259 8.33 17.71 -17.66
C ARG B 259 7.83 16.41 -17.04
N CYS B 260 8.18 15.29 -17.67
CA CYS B 260 7.81 13.98 -17.12
C CYS B 260 8.55 13.71 -15.81
N ALA B 261 9.83 14.07 -15.76
CA ALA B 261 10.62 13.92 -14.53
C ALA B 261 10.05 14.78 -13.39
N LYS B 262 9.61 15.99 -13.73
CA LYS B 262 8.99 16.88 -12.73
C LYS B 262 7.70 16.29 -12.21
N ALA B 263 6.86 15.78 -13.12
CA ALA B 263 5.62 15.11 -12.73
C ALA B 263 5.87 13.97 -11.73
N CYS B 264 6.93 13.18 -11.96
CA CYS B 264 7.33 12.12 -11.02
C CYS B 264 7.56 12.66 -9.61
N VAL B 265 8.31 13.76 -9.53
CA VAL B 265 8.59 14.39 -8.25
C VAL B 265 7.28 14.88 -7.61
N ASP B 266 6.44 15.53 -8.41
CA ASP B 266 5.19 16.11 -7.90
C ASP B 266 4.22 15.06 -7.35
N ILE B 267 4.15 13.88 -7.96
CA ILE B 267 3.22 12.82 -7.51
C ILE B 267 3.88 11.76 -6.60
N GLY B 268 5.14 11.99 -6.21
CA GLY B 268 5.88 11.07 -5.36
C GLY B 268 6.07 9.71 -6.00
N TYR B 269 6.28 9.69 -7.32
CA TYR B 269 6.38 8.42 -8.04
C TYR B 269 7.58 7.61 -7.59
N ARG B 270 7.40 6.29 -7.55
CA ARG B 270 8.44 5.37 -7.12
C ARG B 270 8.55 4.20 -8.09
N GLY B 271 9.74 4.03 -8.67
CA GLY B 271 10.05 2.90 -9.54
C GLY B 271 10.06 3.28 -11.01
N ALA B 272 9.93 2.26 -11.86
CA ALA B 272 9.83 2.47 -13.31
C ALA B 272 8.41 2.85 -13.68
N GLY B 273 8.29 3.73 -14.67
CA GLY B 273 6.97 4.12 -15.18
C GLY B 273 7.10 4.68 -16.59
N THR B 274 5.97 4.83 -17.26
CA THR B 274 5.95 5.37 -18.61
C THR B 274 4.82 6.39 -18.78
N PHE B 275 5.15 7.54 -19.37
CA PHE B 275 4.15 8.52 -19.78
C PHE B 275 3.90 8.35 -21.27
N GLU B 276 2.66 8.00 -21.62
CA GLU B 276 2.30 7.77 -23.01
C GLU B 276 1.65 9.02 -23.56
N PHE B 277 2.15 9.47 -24.71
CA PHE B 277 1.65 10.66 -25.38
C PHE B 277 1.23 10.35 -26.81
N LEU B 278 0.25 11.12 -27.29
CA LEU B 278 0.04 11.28 -28.72
C LEU B 278 0.90 12.45 -29.20
N PHE B 279 1.59 12.27 -30.32
CA PHE B 279 2.51 13.27 -30.85
C PHE B 279 2.06 13.66 -32.26
N GLU B 280 1.79 14.95 -32.45
CA GLU B 280 1.31 15.45 -33.75
C GLU B 280 1.68 16.91 -33.92
N ASN B 281 2.18 17.27 -35.10
CA ASN B 281 2.59 18.63 -35.42
C ASN B 281 3.55 19.20 -34.38
N GLY B 282 4.54 18.39 -33.98
CA GLY B 282 5.55 18.81 -33.03
C GLY B 282 5.10 18.99 -31.59
N GLU B 283 3.86 18.63 -31.28
CA GLU B 283 3.27 18.81 -29.95
C GLU B 283 2.96 17.45 -29.30
N PHE B 284 3.23 17.35 -28.00
CA PHE B 284 2.87 16.17 -27.20
C PHE B 284 1.53 16.36 -26.50
N TYR B 285 0.75 15.29 -26.37
CA TYR B 285 -0.52 15.31 -25.63
C TYR B 285 -0.63 14.06 -24.76
N PHE B 286 -0.60 14.25 -23.45
CA PHE B 286 -0.67 13.14 -22.48
C PHE B 286 -1.94 12.33 -22.66
N ILE B 287 -1.81 11.00 -22.69
CA ILE B 287 -3.00 10.15 -22.67
C ILE B 287 -3.07 9.26 -21.43
N GLU B 288 -1.97 8.62 -21.04
CA GLU B 288 -1.94 7.86 -19.77
C GLU B 288 -0.52 7.55 -19.27
N MET B 289 -0.45 7.23 -17.98
CA MET B 289 0.78 6.81 -17.34
C MET B 289 0.65 5.35 -16.91
N ASN B 290 1.55 4.53 -17.42
CA ASN B 290 1.63 3.13 -17.01
C ASN B 290 2.54 3.06 -15.80
N THR B 291 1.97 2.68 -14.66
CA THR B 291 2.66 2.73 -13.38
C THR B 291 3.29 1.36 -13.07
N ARG B 292 4.17 0.93 -13.98
CA ARG B 292 4.77 -0.39 -13.98
C ARG B 292 5.84 -0.44 -15.06
N ILE B 293 6.59 -1.53 -15.12
CA ILE B 293 7.43 -1.83 -16.29
C ILE B 293 6.52 -2.13 -17.48
N GLN B 294 7.02 -1.93 -18.70
CA GLN B 294 6.26 -2.24 -19.92
C GLN B 294 6.95 -3.33 -20.73
N VAL B 295 6.15 -4.03 -21.53
CA VAL B 295 6.61 -5.01 -22.51
C VAL B 295 7.85 -4.52 -23.27
N GLU B 296 7.76 -3.29 -23.81
CA GLU B 296 8.75 -2.75 -24.74
C GLU B 296 9.96 -2.07 -24.08
N HIS B 297 10.13 -2.27 -22.78
CA HIS B 297 11.28 -1.72 -22.06
C HIS B 297 12.66 -2.05 -22.66
N PRO B 298 12.82 -3.24 -23.29
CA PRO B 298 14.16 -3.55 -23.83
C PRO B 298 14.76 -2.56 -24.82
N VAL B 299 13.95 -1.92 -25.66
CA VAL B 299 14.52 -1.00 -26.67
C VAL B 299 15.20 0.19 -25.98
N THR B 300 14.61 0.65 -24.87
CA THR B 300 15.19 1.73 -24.08
C THR B 300 16.49 1.29 -23.43
N GLU B 301 16.52 0.05 -22.94
CA GLU B 301 17.73 -0.51 -22.36
C GLU B 301 18.90 -0.52 -23.36
N MET B 302 18.62 -0.93 -24.60
CA MET B 302 19.67 -1.06 -25.63
C MET B 302 20.33 0.28 -25.93
N ILE B 303 19.53 1.33 -26.04
CA ILE B 303 20.04 2.67 -26.42
C ILE B 303 20.61 3.52 -25.28
N THR B 304 20.34 3.12 -24.02
CA THR B 304 20.84 3.85 -22.84
C THR B 304 21.83 3.06 -21.98
N GLY B 305 21.86 1.74 -22.11
CA GLY B 305 22.71 0.89 -21.26
C GLY B 305 22.15 0.59 -19.87
N VAL B 306 20.98 1.15 -19.56
CA VAL B 306 20.37 0.98 -18.25
C VAL B 306 19.56 -0.30 -18.20
N ASP B 307 19.76 -1.10 -17.15
CA ASP B 307 18.99 -2.30 -16.92
C ASP B 307 17.79 -1.91 -16.04
N LEU B 308 16.64 -1.76 -16.69
CA LEU B 308 15.47 -1.19 -16.02
C LEU B 308 14.93 -2.08 -14.91
N ILE B 309 14.99 -3.39 -15.12
CA ILE B 309 14.52 -4.34 -14.10
C ILE B 309 15.43 -4.29 -12.87
N LYS B 310 16.75 -4.28 -13.08
CA LYS B 310 17.69 -4.19 -11.98
C LYS B 310 17.47 -2.90 -11.20
N GLU B 311 17.23 -1.80 -11.90
CA GLU B 311 16.93 -0.54 -11.23
C GLU B 311 15.62 -0.59 -10.45
N GLN B 312 14.59 -1.27 -10.98
CA GLN B 312 13.37 -1.50 -10.18
C GLN B 312 13.70 -2.17 -8.85
N LEU B 313 14.58 -3.17 -8.92
CA LEU B 313 14.95 -3.96 -7.74
C LEU B 313 15.78 -3.16 -6.73
N ARG B 314 16.70 -2.34 -7.23
CA ARG B 314 17.52 -1.47 -6.36
C ARG B 314 16.67 -0.41 -5.66
N ILE B 315 15.77 0.22 -6.43
CA ILE B 315 14.83 1.21 -5.91
C ILE B 315 13.95 0.58 -4.83
N ALA B 316 13.40 -0.61 -5.12
CA ALA B 316 12.59 -1.34 -4.14
C ALA B 316 13.36 -1.68 -2.87
N ALA B 317 14.68 -1.92 -3.00
CA ALA B 317 15.53 -2.18 -1.84
C ALA B 317 15.93 -0.91 -1.06
N GLY B 318 15.36 0.24 -1.43
CA GLY B 318 15.58 1.50 -0.73
C GLY B 318 16.79 2.30 -1.18
N GLN B 319 17.40 1.92 -2.29
CA GLN B 319 18.55 2.62 -2.84
C GLN B 319 18.11 3.83 -3.67
N PRO B 320 18.71 5.01 -3.42
CA PRO B 320 18.39 6.14 -4.28
C PRO B 320 18.98 5.96 -5.68
N LEU B 321 18.48 6.72 -6.65
CA LEU B 321 19.03 6.68 -8.01
C LEU B 321 20.52 7.02 -7.95
N SER B 322 21.34 6.15 -8.52
CA SER B 322 22.77 6.41 -8.67
C SER B 322 23.00 7.20 -9.95
N ILE B 323 22.08 7.05 -10.89
CA ILE B 323 22.19 7.64 -12.22
C ILE B 323 21.64 9.05 -12.19
N LYS B 324 22.49 10.01 -12.52
CA LYS B 324 22.07 11.40 -12.70
C LYS B 324 21.61 11.62 -14.15
N GLN B 325 20.75 12.59 -14.37
CA GLN B 325 20.20 12.87 -15.71
C GLN B 325 21.31 13.20 -16.72
N GLU B 326 22.34 13.89 -16.24
CA GLU B 326 23.53 14.22 -17.03
C GLU B 326 24.26 12.99 -17.59
N GLU B 327 24.17 11.86 -16.88
CA GLU B 327 24.84 10.61 -17.26
C GLU B 327 24.02 9.73 -18.22
N VAL B 328 22.78 10.10 -18.49
CA VAL B 328 21.91 9.34 -19.40
C VAL B 328 22.18 9.78 -20.83
N HIS B 329 22.59 8.84 -21.68
CA HIS B 329 22.94 9.14 -23.06
C HIS B 329 22.25 8.19 -24.05
N VAL B 330 21.54 8.76 -25.02
CA VAL B 330 20.99 7.98 -26.11
C VAL B 330 22.11 7.68 -27.09
N ARG B 331 22.37 6.40 -27.31
CA ARG B 331 23.34 5.97 -28.29
C ARG B 331 22.72 4.89 -29.16
N GLY B 332 22.77 5.09 -30.48
CA GLY B 332 22.29 4.10 -31.42
C GLY B 332 20.77 4.04 -31.50
N HIS B 333 20.27 2.89 -31.93
CA HIS B 333 18.86 2.72 -32.21
C HIS B 333 18.47 1.26 -32.02
N ALA B 334 17.26 1.01 -31.50
CA ALA B 334 16.78 -0.35 -31.33
C ALA B 334 15.32 -0.53 -31.76
N VAL B 335 15.01 -1.69 -32.29
CA VAL B 335 13.67 -2.04 -32.73
C VAL B 335 13.28 -3.36 -32.05
N GLU B 336 12.02 -3.42 -31.62
CA GLU B 336 11.45 -4.62 -31.03
C GLU B 336 10.26 -5.07 -31.87
N CYS B 337 10.30 -6.33 -32.29
CA CYS B 337 9.18 -7.01 -32.91
C CYS B 337 8.60 -7.98 -31.90
N ARG B 338 7.32 -7.79 -31.55
CA ARG B 338 6.60 -8.74 -30.71
C ARG B 338 6.32 -10.01 -31.51
N ILE B 339 6.60 -11.16 -30.90
CA ILE B 339 6.31 -12.46 -31.52
C ILE B 339 5.08 -13.05 -30.82
N ASN B 340 4.02 -13.25 -31.60
CA ASN B 340 2.74 -13.69 -31.07
C ASN B 340 2.29 -15.01 -31.70
N ALA B 341 1.75 -15.91 -30.87
CA ALA B 341 1.25 -17.19 -31.32
C ALA B 341 -0.16 -16.98 -31.87
N GLU B 342 -0.21 -16.55 -33.12
CA GLU B 342 -1.44 -16.23 -33.81
C GLU B 342 -1.19 -16.31 -35.32
N ASP B 343 -2.24 -16.51 -36.11
CA ASP B 343 -2.11 -16.55 -37.57
C ASP B 343 -1.68 -15.17 -38.06
N PRO B 344 -0.67 -15.12 -38.96
CA PRO B 344 -0.16 -13.81 -39.40
C PRO B 344 -1.11 -13.01 -40.30
N ASN B 345 -2.23 -13.61 -40.72
CA ASN B 345 -3.21 -12.96 -41.59
C ASN B 345 -4.59 -12.77 -40.92
N THR B 346 -5.07 -13.81 -40.23
CA THR B 346 -6.36 -13.74 -39.51
C THR B 346 -6.23 -13.42 -38.03
N PHE B 347 -5.03 -13.58 -37.47
CA PHE B 347 -4.79 -13.38 -36.03
C PHE B 347 -5.61 -14.30 -35.11
N LEU B 348 -6.09 -15.42 -35.66
CA LEU B 348 -6.64 -16.48 -34.83
C LEU B 348 -5.54 -16.97 -33.89
N PRO B 349 -5.84 -17.03 -32.57
CA PRO B 349 -4.84 -17.54 -31.64
C PRO B 349 -4.36 -18.95 -31.99
N SER B 350 -3.08 -19.18 -31.77
CA SER B 350 -2.46 -20.45 -32.11
C SER B 350 -1.69 -21.02 -30.92
N PRO B 351 -2.41 -21.47 -29.88
CA PRO B 351 -1.79 -22.22 -28.82
C PRO B 351 -1.39 -23.59 -29.36
N GLY B 352 -0.47 -24.25 -28.65
CA GLY B 352 -0.06 -25.60 -29.00
C GLY B 352 1.41 -25.88 -28.78
N LYS B 353 1.82 -27.11 -29.12
CA LYS B 353 3.17 -27.58 -28.88
C LYS B 353 4.11 -27.06 -29.96
N ILE B 354 5.19 -26.42 -29.52
CA ILE B 354 6.26 -26.02 -30.41
C ILE B 354 7.15 -27.26 -30.69
N THR B 355 7.13 -27.71 -31.94
CA THR B 355 7.79 -28.94 -32.34
C THR B 355 9.23 -28.73 -32.81
N ARG B 356 9.53 -27.52 -33.25
CA ARG B 356 10.90 -27.14 -33.58
C ARG B 356 11.10 -25.66 -33.25
N PHE B 357 12.25 -25.35 -32.66
CA PHE B 357 12.55 -23.98 -32.28
C PHE B 357 14.02 -23.67 -32.45
N HIS B 358 14.28 -22.53 -33.07
CA HIS B 358 15.62 -21.99 -33.16
C HIS B 358 15.60 -20.47 -33.03
N ALA B 359 16.40 -19.95 -32.11
CA ALA B 359 16.47 -18.51 -31.88
C ALA B 359 17.55 -17.89 -32.76
N PRO B 360 17.33 -16.65 -33.19
CA PRO B 360 18.35 -15.96 -33.95
C PRO B 360 19.47 -15.50 -33.03
N GLY B 361 20.65 -15.32 -33.60
CA GLY B 361 21.78 -14.78 -32.84
C GLY B 361 22.43 -13.65 -33.61
N GLY B 362 23.64 -13.29 -33.21
CA GLY B 362 24.40 -12.26 -33.88
C GLY B 362 24.60 -11.01 -33.02
N PHE B 363 25.53 -10.17 -33.49
CA PHE B 363 25.85 -8.90 -32.87
C PHE B 363 24.62 -8.00 -32.93
N GLY B 364 24.22 -7.48 -31.78
CA GLY B 364 23.09 -6.55 -31.70
C GLY B 364 21.71 -7.20 -31.62
N VAL B 365 21.67 -8.52 -31.56
CA VAL B 365 20.42 -9.29 -31.55
C VAL B 365 20.12 -9.78 -30.14
N ARG B 366 18.96 -9.39 -29.61
CA ARG B 366 18.56 -9.76 -28.26
C ARG B 366 17.23 -10.51 -28.32
N TRP B 367 17.20 -11.72 -27.75
CA TRP B 367 16.02 -12.56 -27.79
C TRP B 367 15.43 -12.69 -26.39
N GLU B 368 14.19 -12.23 -26.22
CA GLU B 368 13.50 -12.28 -24.93
C GLU B 368 12.27 -13.19 -25.03
N SER B 369 12.44 -14.45 -24.59
CA SER B 369 11.38 -15.46 -24.66
C SER B 369 11.62 -16.67 -23.78
N HIS B 370 10.52 -17.20 -23.25
CA HIS B 370 10.49 -18.43 -22.46
C HIS B 370 10.33 -19.69 -23.31
N ILE B 371 10.10 -19.54 -24.60
CA ILE B 371 9.79 -20.70 -25.44
C ILE B 371 11.02 -21.58 -25.74
N TYR B 372 10.73 -22.87 -25.90
CA TYR B 372 11.74 -23.85 -26.25
C TYR B 372 11.08 -24.98 -27.03
N ALA B 373 11.92 -25.76 -27.71
CA ALA B 373 11.43 -26.92 -28.48
C ALA B 373 10.79 -27.92 -27.52
N GLY B 374 9.55 -28.28 -27.81
CA GLY B 374 8.78 -29.20 -26.98
C GLY B 374 7.81 -28.50 -26.04
N TYR B 375 7.97 -27.18 -25.90
CA TYR B 375 7.10 -26.39 -25.02
C TYR B 375 5.72 -26.19 -25.65
N THR B 376 4.68 -26.34 -24.83
CA THR B 376 3.30 -26.04 -25.26
C THR B 376 2.88 -24.66 -24.79
N VAL B 377 2.56 -23.81 -25.77
CA VAL B 377 1.96 -22.50 -25.50
C VAL B 377 0.50 -22.74 -25.11
N PRO B 378 0.13 -22.42 -23.86
CA PRO B 378 -1.23 -22.79 -23.44
C PRO B 378 -2.31 -21.86 -24.01
N PRO B 379 -3.55 -22.35 -24.12
CA PRO B 379 -4.66 -21.53 -24.61
C PRO B 379 -5.19 -20.47 -23.61
N TYR B 380 -4.73 -20.49 -22.35
CA TYR B 380 -5.35 -19.69 -21.28
C TYR B 380 -4.88 -18.24 -21.18
N TYR B 381 -3.76 -17.90 -21.82
CA TYR B 381 -3.09 -16.61 -21.56
C TYR B 381 -2.95 -15.78 -22.85
N ASP B 382 -2.20 -14.68 -22.78
CA ASP B 382 -2.06 -13.75 -23.91
C ASP B 382 -1.25 -14.41 -25.03
N SER B 383 -1.38 -13.86 -26.24
CA SER B 383 -0.73 -14.45 -27.40
C SER B 383 0.77 -14.21 -27.50
N MET B 384 1.27 -13.19 -26.79
CA MET B 384 2.67 -12.81 -26.95
C MET B 384 3.58 -13.86 -26.31
N ILE B 385 4.40 -14.50 -27.15
CA ILE B 385 5.30 -15.56 -26.68
C ILE B 385 6.79 -15.18 -26.63
N GLY B 386 7.15 -14.09 -27.31
CA GLY B 386 8.53 -13.61 -27.25
C GLY B 386 8.66 -12.23 -27.86
N LYS B 387 9.84 -11.64 -27.68
CA LYS B 387 10.16 -10.35 -28.25
C LYS B 387 11.58 -10.41 -28.82
N LEU B 388 11.72 -9.93 -30.05
CA LEU B 388 12.99 -9.91 -30.73
C LEU B 388 13.39 -8.44 -30.80
N ILE B 389 14.58 -8.14 -30.28
CA ILE B 389 15.05 -6.77 -30.19
C ILE B 389 16.38 -6.67 -30.90
N CYS B 390 16.48 -5.79 -31.89
CA CYS B 390 17.74 -5.60 -32.59
C CYS B 390 18.26 -4.17 -32.42
N TYR B 391 19.55 -4.06 -32.11
CA TYR B 391 20.19 -2.77 -31.89
C TYR B 391 21.22 -2.52 -32.97
N GLY B 392 21.41 -1.26 -33.35
CA GLY B 392 22.52 -0.86 -34.21
C GLY B 392 22.98 0.57 -33.95
N GLU B 393 24.06 0.97 -34.62
CA GLU B 393 24.60 2.33 -34.48
C GLU B 393 23.59 3.35 -34.98
N ASN B 394 22.73 2.92 -35.89
CA ASN B 394 21.67 3.75 -36.43
C ASN B 394 20.43 2.92 -36.74
N ARG B 395 19.36 3.61 -37.12
CA ARG B 395 18.07 2.93 -37.36
C ARG B 395 18.14 1.92 -38.50
N ASP B 396 18.85 2.27 -39.56
CA ASP B 396 18.96 1.37 -40.72
C ASP B 396 19.65 0.05 -40.36
N VAL B 397 20.70 0.11 -39.56
CA VAL B 397 21.39 -1.10 -39.10
C VAL B 397 20.45 -1.96 -38.24
N ALA B 398 19.74 -1.32 -37.31
CA ALA B 398 18.77 -2.01 -36.46
C ALA B 398 17.74 -2.78 -37.29
N ILE B 399 17.19 -2.12 -38.32
CA ILE B 399 16.19 -2.74 -39.19
C ILE B 399 16.80 -3.86 -40.02
N ALA B 400 18.00 -3.62 -40.56
CA ALA B 400 18.72 -4.65 -41.29
C ALA B 400 18.97 -5.89 -40.44
N ARG B 401 19.39 -5.69 -39.18
CA ARG B 401 19.60 -6.82 -38.28
C ARG B 401 18.28 -7.55 -37.98
N MET B 402 17.18 -6.81 -37.84
CA MET B 402 15.87 -7.41 -37.54
C MET B 402 15.40 -8.32 -38.67
N LYS B 403 15.58 -7.89 -39.91
CA LYS B 403 15.24 -8.72 -41.08
C LYS B 403 15.96 -10.04 -41.03
N ASN B 404 17.29 -9.98 -40.86
CA ASN B 404 18.13 -11.16 -40.76
C ASN B 404 17.68 -12.07 -39.62
N ALA B 405 17.44 -11.47 -38.46
CA ALA B 405 17.06 -12.20 -37.25
C ALA B 405 15.70 -12.91 -37.40
N LEU B 406 14.73 -12.22 -38.00
CA LEU B 406 13.41 -12.81 -38.26
C LEU B 406 13.51 -14.01 -39.19
N GLN B 407 14.46 -13.97 -40.13
CA GLN B 407 14.67 -15.06 -41.09
C GLN B 407 15.26 -16.31 -40.44
N GLU B 408 16.08 -16.13 -39.40
CA GLU B 408 16.69 -17.24 -38.66
C GLU B 408 15.72 -17.86 -37.66
N LEU B 409 14.77 -17.07 -37.20
CA LEU B 409 13.84 -17.50 -36.19
C LEU B 409 12.94 -18.61 -36.73
N ILE B 410 13.03 -19.79 -36.12
CA ILE B 410 12.15 -20.91 -36.43
C ILE B 410 11.24 -21.22 -35.26
N ILE B 411 9.92 -21.18 -35.50
CA ILE B 411 8.93 -21.63 -34.53
C ILE B 411 7.88 -22.46 -35.29
N ASP B 412 7.98 -23.78 -35.18
CA ASP B 412 7.08 -24.70 -35.87
C ASP B 412 6.11 -25.35 -34.88
N GLY B 413 4.96 -25.79 -35.38
CA GLY B 413 3.95 -26.44 -34.55
C GLY B 413 2.77 -25.54 -34.25
N ILE B 414 3.01 -24.24 -34.30
CA ILE B 414 2.00 -23.21 -34.13
C ILE B 414 2.20 -22.11 -35.17
N LYS B 415 1.14 -21.34 -35.42
CA LYS B 415 1.24 -20.17 -36.27
C LYS B 415 1.82 -19.03 -35.45
N THR B 416 2.59 -18.17 -36.11
CA THR B 416 3.07 -16.93 -35.50
C THR B 416 2.91 -15.76 -36.46
N ASN B 417 3.10 -14.57 -35.92
CA ASN B 417 3.08 -13.32 -36.71
C ASN B 417 4.45 -12.95 -37.30
N VAL B 418 5.40 -13.89 -37.32
CA VAL B 418 6.74 -13.61 -37.84
C VAL B 418 6.68 -13.08 -39.28
N ASP B 419 5.81 -13.68 -40.11
CA ASP B 419 5.67 -13.25 -41.50
C ASP B 419 5.12 -11.84 -41.62
N LEU B 420 4.21 -11.45 -40.72
CA LEU B 420 3.74 -10.07 -40.68
C LEU B 420 4.90 -9.13 -40.33
N GLN B 421 5.67 -9.49 -39.31
CA GLN B 421 6.82 -8.68 -38.90
C GLN B 421 7.82 -8.51 -40.05
N ILE B 422 8.07 -9.60 -40.78
CA ILE B 422 8.92 -9.53 -41.99
C ILE B 422 8.38 -8.49 -42.97
N ARG B 423 7.05 -8.49 -43.18
CA ARG B 423 6.42 -7.52 -44.07
C ARG B 423 6.55 -6.10 -43.57
N ILE B 424 6.38 -5.90 -42.27
CA ILE B 424 6.50 -4.57 -41.68
C ILE B 424 7.92 -4.03 -41.84
N MET B 425 8.92 -4.87 -41.59
CA MET B 425 10.32 -4.44 -41.72
C MET B 425 10.61 -4.04 -43.17
N ASN B 426 9.97 -4.71 -44.12
CA ASN B 426 10.14 -4.45 -45.55
C ASN B 426 9.27 -3.30 -46.10
N ASP B 427 8.38 -2.77 -45.27
CA ASP B 427 7.49 -1.68 -45.65
C ASP B 427 8.26 -0.36 -45.85
N GLU B 428 8.07 0.27 -47.00
CA GLU B 428 8.83 1.48 -47.35
C GLU B 428 8.54 2.68 -46.45
N ASN B 429 7.30 2.80 -45.99
CA ASN B 429 6.92 3.88 -45.08
C ASN B 429 7.54 3.67 -43.69
N PHE B 430 7.50 2.44 -43.20
CA PHE B 430 8.23 2.10 -41.98
C PHE B 430 9.73 2.38 -42.15
N GLN B 431 10.30 1.95 -43.27
CA GLN B 431 11.72 2.20 -43.57
C GLN B 431 12.05 3.70 -43.56
N HIS B 432 11.14 4.52 -44.11
CA HIS B 432 11.27 5.97 -44.01
C HIS B 432 11.18 6.43 -42.55
N GLY B 433 10.22 5.86 -41.82
CA GLY B 433 10.01 6.17 -40.39
C GLY B 433 8.91 7.19 -40.17
N GLY B 434 8.39 7.23 -38.94
CA GLY B 434 7.42 8.24 -38.56
C GLY B 434 5.98 7.96 -38.99
N THR B 435 5.65 6.70 -39.28
CA THR B 435 4.27 6.34 -39.60
C THR B 435 3.37 6.55 -38.38
N ASN B 436 2.09 6.85 -38.62
CA ASN B 436 1.14 7.19 -37.55
C ASN B 436 0.46 5.94 -36.98
N ILE B 437 -0.36 6.15 -35.95
CA ILE B 437 -1.00 5.04 -35.22
C ILE B 437 -2.03 4.25 -36.02
N HIS B 438 -2.44 4.78 -37.18
CA HIS B 438 -3.45 4.13 -38.03
C HIS B 438 -2.81 3.37 -39.19
N TYR B 439 -1.50 3.49 -39.35
CA TYR B 439 -0.83 2.96 -40.54
C TYR B 439 -0.98 1.46 -40.71
N LEU B 440 -0.66 0.67 -39.69
CA LEU B 440 -0.67 -0.78 -39.84
C LEU B 440 -2.04 -1.29 -40.31
N GLU B 441 -3.09 -0.82 -39.65
CA GLU B 441 -4.45 -1.28 -39.97
C GLU B 441 -4.87 -0.87 -41.38
N LYS B 442 -4.45 0.29 -41.86
CA LYS B 442 -4.73 0.68 -43.24
C LYS B 442 -3.89 -0.13 -44.25
N LYS B 443 -2.62 -0.37 -43.94
CA LYS B 443 -1.79 -1.25 -44.77
C LYS B 443 -2.43 -2.64 -44.89
N LEU B 444 -2.93 -3.17 -43.78
CA LEU B 444 -3.59 -4.48 -43.77
C LEU B 444 -5.02 -4.45 -44.32
N GLY B 445 -5.61 -3.26 -44.40
CA GLY B 445 -6.94 -3.11 -45.00
C GLY B 445 -6.86 -3.22 -46.52
C1 OA4 C . -19.30 3.95 10.05
C2 OA4 C . -19.47 5.30 9.69
C3 OA4 C . -20.80 5.70 9.36
N4 OA4 C . -21.81 4.79 9.42
C5 OA4 C . -21.59 3.52 9.79
N6 OA4 C . -20.34 3.09 10.10
N7 OA4 C . -21.22 6.93 8.97
C8 OA4 C . -18.06 3.43 10.40
C9 OA4 C . -16.95 4.26 10.37
C12 OA4 C . -17.07 5.60 10.02
C13 OA4 C . -18.32 6.14 9.68
N14 OA4 C . -22.61 2.65 9.84
C26 OA4 C . -13.87 7.06 11.37
C27 OA4 C . -13.39 7.78 10.28
C10 OA4 C . -18.41 7.61 9.31
C22 OA4 C . -14.11 7.79 9.08
C23 OA4 C . -15.30 7.10 8.97
CAP OA4 C . -15.80 6.38 10.06
C25 OA4 C . -15.07 6.36 11.25
#